data_4QLK
#
_entry.id   4QLK
#
_cell.length_a   63.660
_cell.length_b   79.531
_cell.length_c   101.989
_cell.angle_alpha   90.00
_cell.angle_beta   97.83
_cell.angle_gamma   90.00
#
_symmetry.space_group_name_H-M   'P 1 21 1'
#
loop_
_entity.id
_entity.type
_entity.pdbx_description
1 polymer 'Beta-glucosidase 7'
2 branched beta-D-glucopyranose-(1-4)-beta-D-glucopyranose-(1-4)-beta-D-glucopyranose-(1-4)-beta-D-glucopyranose
3 non-polymer 'ZINC ION'
4 non-polymer 'SULFATE ION'
5 non-polymer '2-(N-MORPHOLINO)-ETHANESULFONIC ACID'
6 water water
#
_entity_poly.entity_id   1
_entity_poly.type   'polypeptide(L)'
_entity_poly.pdbx_seq_one_letter_code
;AMADVVPKPNWLGGLSRAAFPKRFVFGTVTSAYQVEGMAASGGRGPSIWDAFAHTPGNVAGNQNGDVATDQYHRYKEDVN
LMKSLNFDAYRFSISWSRIFPDGEGRVNQEGVAYYNNLINYLLQKGITPYVNLYHYDLPLALEKKYGGWLNAKMADLFTE
YADFCFKTFGNRVKHWFTFNQPRIVALLGYDQGTNPPKRCTKCAAGGNSATEPYIVAHNFLLSHAAAVARYRTKYQAAQQ
GKVGIVLDFNWYEALSNSTEDQAAAQRARDFHIGWYLDPLINGHYPQIMQDLVKDRLPKFTPEQARLVKGSADYIGINQY
TASYMKGQQLMQQTPTSYSADWQVTAVFAKNGKPIGPQANSNWLYIVPWGMYGCVNYIKQKYGNPTVVITENGMDQPANL
SRDQYLRDTTRVHFYRSYLTQLKKAIDEGANVAGYFAWSLLDNFEWLSGYTSKFGIVYVDFNTLERHPKASAYWFRDMLK
H
;
_entity_poly.pdbx_strand_id   A,B
#
loop_
_chem_comp.id
_chem_comp.type
_chem_comp.name
_chem_comp.formula
BGC D-saccharide, beta linking beta-D-glucopyranose 'C6 H12 O6'
MES non-polymer '2-(N-MORPHOLINO)-ETHANESULFONIC ACID' 'C6 H13 N O4 S'
SO4 non-polymer 'SULFATE ION' 'O4 S -2'
ZN non-polymer 'ZINC ION' 'Zn 2'
#
# COMPACT_ATOMS: atom_id res chain seq x y z
N ASN A 10 23.23 30.11 -15.29
CA ASN A 10 21.85 29.55 -15.44
C ASN A 10 21.45 28.85 -14.16
N TRP A 11 20.24 28.28 -14.11
CA TRP A 11 19.74 27.67 -12.85
C TRP A 11 20.54 26.43 -12.44
N LEU A 12 21.20 25.79 -13.40
CA LEU A 12 22.18 24.72 -13.13
C LEU A 12 23.53 25.25 -12.65
N GLY A 13 23.80 26.53 -12.90
CA GLY A 13 25.07 27.14 -12.50
C GLY A 13 26.29 26.49 -13.10
N GLY A 14 26.18 26.09 -14.35
CA GLY A 14 27.27 25.44 -15.08
C GLY A 14 27.49 23.98 -14.71
N LEU A 15 26.61 23.44 -13.86
CA LEU A 15 26.73 22.03 -13.48
C LEU A 15 26.05 21.12 -14.50
N SER A 16 26.66 19.96 -14.68
CA SER A 16 26.16 18.88 -15.55
C SER A 16 27.05 17.68 -15.32
N ARG A 17 26.72 16.55 -15.95
CA ARG A 17 27.56 15.36 -15.84
C ARG A 17 28.99 15.59 -16.35
N ALA A 18 29.13 16.43 -17.37
CA ALA A 18 30.44 16.81 -17.90
C ALA A 18 31.31 17.54 -16.86
N ALA A 19 30.68 18.17 -15.88
CA ALA A 19 31.38 18.89 -14.82
C ALA A 19 31.98 17.96 -13.75
N PHE A 20 31.62 16.68 -13.82
CA PHE A 20 32.12 15.69 -12.86
C PHE A 20 32.89 14.59 -13.59
N PRO A 21 33.69 13.79 -12.86
CA PRO A 21 34.49 12.74 -13.48
C PRO A 21 33.67 11.77 -14.34
N LYS A 22 34.35 11.20 -15.32
CA LYS A 22 33.76 10.16 -16.15
C LYS A 22 33.31 9.04 -15.20
N ARG A 23 32.11 8.55 -15.41
CA ARG A 23 31.53 7.43 -14.62
C ARG A 23 31.15 7.81 -13.16
N PHE A 24 31.16 9.11 -12.84
CA PHE A 24 30.73 9.57 -11.52
C PHE A 24 29.26 9.18 -11.31
N VAL A 25 28.96 8.64 -10.14
CA VAL A 25 27.63 8.07 -9.85
C VAL A 25 26.71 9.08 -9.14
N PHE A 26 25.53 9.31 -9.71
CA PHE A 26 24.51 10.15 -9.07
C PHE A 26 23.29 9.32 -8.68
N GLY A 27 22.86 9.47 -7.43
CA GLY A 27 21.73 8.72 -6.93
C GLY A 27 20.88 9.47 -5.94
N THR A 28 19.80 8.82 -5.50
CA THR A 28 18.98 9.31 -4.39
C THR A 28 18.98 8.22 -3.32
N VAL A 29 18.50 8.58 -2.13
CA VAL A 29 18.61 7.67 -0.98
C VAL A 29 17.33 7.65 -0.14
N THR A 30 17.01 6.47 0.38
CA THR A 30 15.98 6.29 1.38
C THR A 30 16.55 5.30 2.41
N SER A 31 15.80 5.05 3.48
CA SER A 31 16.10 3.92 4.36
C SER A 31 14.81 3.16 4.61
N ALA A 32 14.94 1.90 5.04
CA ALA A 32 13.80 0.99 5.10
C ALA A 32 12.66 1.50 5.99
N TYR A 33 12.95 1.80 7.25
CA TYR A 33 11.89 2.17 8.16
C TYR A 33 11.28 3.53 7.77
N GLN A 34 12.09 4.37 7.14
CA GLN A 34 11.62 5.71 6.76
C GLN A 34 10.68 5.72 5.57
N VAL A 35 10.74 4.71 4.70
CA VAL A 35 9.90 4.73 3.50
C VAL A 35 9.04 3.49 3.22
N GLU A 36 9.44 2.33 3.71
CA GLU A 36 8.80 1.07 3.26
C GLU A 36 7.33 0.96 3.65
N GLY A 37 7.05 1.24 4.91
CA GLY A 37 5.74 0.90 5.46
C GLY A 37 5.68 -0.60 5.63
N MET A 38 4.46 -1.14 5.67
CA MET A 38 4.24 -2.56 5.96
C MET A 38 5.11 -3.04 7.14
N ALA A 39 5.13 -2.25 8.20
CA ALA A 39 6.06 -2.46 9.30
C ALA A 39 5.74 -3.72 10.09
N ALA A 40 4.44 -4.03 10.20
CA ALA A 40 3.97 -5.21 10.92
C ALA A 40 3.26 -6.17 9.96
N SER A 41 3.65 -6.13 8.70
CA SER A 41 3.02 -6.97 7.68
C SER A 41 4.09 -7.63 6.84
N GLY A 42 3.67 -8.53 5.96
CA GLY A 42 4.59 -9.23 5.06
C GLY A 42 5.59 -10.07 5.85
N GLY A 43 5.22 -10.41 7.09
CA GLY A 43 6.06 -11.23 7.96
C GLY A 43 7.17 -10.51 8.70
N ARG A 44 7.25 -9.19 8.55
CA ARG A 44 8.31 -8.41 9.21
C ARG A 44 8.15 -8.46 10.72
N GLY A 45 9.25 -8.71 11.43
CA GLY A 45 9.25 -8.57 12.88
C GLY A 45 9.57 -7.14 13.31
N PRO A 46 9.24 -6.79 14.56
CA PRO A 46 9.47 -5.41 15.00
C PRO A 46 10.95 -5.09 15.19
N SER A 47 11.30 -3.83 14.94
CA SER A 47 12.62 -3.31 15.29
C SER A 47 12.49 -2.41 16.51
N ILE A 48 13.64 -2.00 17.04
CA ILE A 48 13.64 -1.07 18.19
C ILE A 48 12.91 0.24 17.85
N TRP A 49 12.91 0.62 16.58
CA TRP A 49 12.18 1.82 16.15
C TRP A 49 10.66 1.62 16.11
N ASP A 50 10.19 0.41 15.84
CA ASP A 50 8.75 0.14 15.94
C ASP A 50 8.27 0.35 17.37
N ALA A 51 8.98 -0.25 18.33
CA ALA A 51 8.61 -0.15 19.74
C ALA A 51 8.69 1.31 20.22
N PHE A 52 9.77 1.97 19.85
CA PHE A 52 9.98 3.38 20.21
C PHE A 52 8.89 4.30 19.63
N ALA A 53 8.62 4.17 18.34
CA ALA A 53 7.67 5.06 17.67
C ALA A 53 6.21 4.87 18.11
N HIS A 54 5.88 3.67 18.58
CA HIS A 54 4.54 3.35 19.10
C HIS A 54 4.32 3.78 20.56
N THR A 55 5.38 4.24 21.22
CA THR A 55 5.27 4.75 22.56
C THR A 55 4.83 6.23 22.51
N PRO A 56 3.71 6.57 23.15
CA PRO A 56 3.24 7.95 23.14
C PRO A 56 4.33 8.91 23.63
N GLY A 57 4.46 10.04 22.96
CA GLY A 57 5.44 11.07 23.34
C GLY A 57 6.79 11.00 22.67
N ASN A 58 7.14 9.85 22.09
CA ASN A 58 8.48 9.66 21.54
C ASN A 58 8.69 10.38 20.20
N VAL A 59 7.68 10.38 19.34
CA VAL A 59 7.76 10.98 18.01
C VAL A 59 6.73 12.11 17.87
N ALA A 60 7.08 13.15 17.10
CA ALA A 60 6.15 14.24 16.81
C ALA A 60 4.80 13.69 16.38
N GLY A 61 3.74 14.19 17.03
CA GLY A 61 2.36 13.79 16.73
C GLY A 61 2.03 12.32 16.99
N ASN A 62 2.87 11.64 17.77
CA ASN A 62 2.77 10.18 18.01
C ASN A 62 2.76 9.37 16.72
N GLN A 63 3.50 9.84 15.73
CA GLN A 63 3.52 9.21 14.42
C GLN A 63 4.54 8.09 14.38
N ASN A 64 4.41 7.24 13.39
CA ASN A 64 5.27 6.07 13.26
C ASN A 64 5.43 5.68 11.79
N GLY A 65 6.24 4.67 11.54
CA GLY A 65 6.51 4.22 10.17
C GLY A 65 5.66 3.04 9.72
N ASP A 66 4.54 2.80 10.37
CA ASP A 66 3.66 1.66 10.00
C ASP A 66 3.34 1.64 8.50
N VAL A 67 2.99 2.80 7.98
CA VAL A 67 2.69 2.97 6.54
C VAL A 67 3.80 3.75 5.82
N ALA A 68 4.27 4.81 6.46
CA ALA A 68 5.34 5.66 5.89
C ALA A 68 4.95 6.11 4.46
N THR A 69 5.80 5.90 3.47
CA THR A 69 5.44 6.26 2.08
C THR A 69 4.81 5.06 1.33
N ASP A 70 4.72 3.91 1.99
CA ASP A 70 4.21 2.67 1.38
C ASP A 70 5.03 2.26 0.13
N GLN A 71 6.33 2.50 0.18
CA GLN A 71 7.19 2.10 -0.93
C GLN A 71 7.10 0.58 -1.14
N TYR A 72 6.79 -0.16 -0.08
CA TYR A 72 6.63 -1.62 -0.17
C TYR A 72 5.70 -2.03 -1.31
N HIS A 73 4.60 -1.32 -1.46
CA HIS A 73 3.65 -1.61 -2.53
C HIS A 73 3.92 -0.81 -3.78
N ARG A 74 4.55 0.35 -3.65
CA ARG A 74 4.65 1.32 -4.75
C ARG A 74 6.03 1.41 -5.37
N TYR A 75 6.91 0.45 -5.07
CA TYR A 75 8.34 0.59 -5.40
C TYR A 75 8.57 0.80 -6.90
N LYS A 76 7.74 0.17 -7.76
CA LYS A 76 7.91 0.34 -9.20
C LYS A 76 7.60 1.76 -9.66
N GLU A 77 6.63 2.41 -9.02
CA GLU A 77 6.37 3.83 -9.29
C GLU A 77 7.60 4.66 -8.95
N ASP A 78 8.18 4.41 -7.78
CA ASP A 78 9.33 5.19 -7.30
C ASP A 78 10.57 4.95 -8.16
N VAL A 79 10.80 3.71 -8.57
CA VAL A 79 11.90 3.40 -9.51
C VAL A 79 11.70 4.05 -10.88
N ASN A 80 10.48 3.99 -11.41
CA ASN A 80 10.19 4.70 -12.67
C ASN A 80 10.50 6.19 -12.54
N LEU A 81 10.16 6.75 -11.39
CA LEU A 81 10.37 8.17 -11.14
C LEU A 81 11.86 8.51 -11.09
N MET A 82 12.65 7.73 -10.35
CA MET A 82 14.08 8.01 -10.28
C MET A 82 14.76 7.86 -11.65
N LYS A 83 14.32 6.89 -12.45
CA LYS A 83 14.83 6.77 -13.82
C LYS A 83 14.44 7.98 -14.66
N SER A 84 13.20 8.44 -14.53
CA SER A 84 12.73 9.62 -15.28
C SER A 84 13.49 10.91 -14.90
N LEU A 85 14.11 10.92 -13.72
CA LEU A 85 14.91 12.04 -13.23
C LEU A 85 16.42 11.90 -13.53
N ASN A 86 16.77 10.89 -14.33
CA ASN A 86 18.13 10.68 -14.83
C ASN A 86 19.20 10.28 -13.79
N PHE A 87 18.77 9.74 -12.64
CA PHE A 87 19.71 9.17 -11.68
C PHE A 87 20.26 7.83 -12.19
N ASP A 88 21.47 7.49 -11.73
CA ASP A 88 22.16 6.26 -12.10
C ASP A 88 22.02 5.18 -11.07
N ALA A 89 21.70 5.58 -9.84
CA ALA A 89 21.82 4.68 -8.70
C ALA A 89 20.79 5.02 -7.63
N TYR A 90 20.55 4.05 -6.75
CA TYR A 90 19.61 4.21 -5.65
C TYR A 90 20.21 3.56 -4.41
N ARG A 91 20.38 4.36 -3.36
CA ARG A 91 20.81 3.83 -2.08
C ARG A 91 19.57 3.58 -1.21
N PHE A 92 19.42 2.33 -0.78
CA PHE A 92 18.33 1.96 0.10
C PHE A 92 18.87 0.96 1.11
N SER A 93 18.08 0.65 2.13
CA SER A 93 18.51 -0.29 3.16
C SER A 93 17.59 -1.51 3.20
N ILE A 94 18.17 -2.63 3.59
CA ILE A 94 17.42 -3.85 3.88
C ILE A 94 17.03 -3.82 5.36
N SER A 95 15.75 -4.05 5.67
CA SER A 95 15.32 -4.18 7.06
C SER A 95 15.69 -5.56 7.57
N TRP A 96 16.63 -5.60 8.50
CA TRP A 96 17.06 -6.84 9.16
C TRP A 96 15.85 -7.66 9.63
N SER A 97 14.93 -7.02 10.34
CA SER A 97 13.79 -7.74 10.91
C SER A 97 12.74 -8.14 9.86
N ARG A 98 12.84 -7.62 8.65
CA ARG A 98 11.99 -8.09 7.52
C ARG A 98 12.55 -9.40 6.94
N ILE A 99 13.86 -9.59 7.02
CA ILE A 99 14.50 -10.86 6.60
C ILE A 99 14.46 -11.91 7.71
N PHE A 100 14.93 -11.51 8.89
CA PHE A 100 14.93 -12.37 10.09
C PHE A 100 14.06 -11.69 11.15
N PRO A 101 12.76 -12.06 11.26
CA PRO A 101 11.89 -11.40 12.23
C PRO A 101 12.43 -11.38 13.67
N ASP A 102 13.18 -12.40 14.05
CA ASP A 102 13.81 -12.45 15.37
C ASP A 102 15.30 -12.08 15.36
N GLY A 103 15.80 -11.63 14.21
CA GLY A 103 17.19 -11.21 14.08
C GLY A 103 18.18 -12.35 13.85
N GLU A 104 17.72 -13.58 14.00
CA GLU A 104 18.51 -14.80 13.89
C GLU A 104 17.51 -15.93 13.62
N GLY A 105 17.98 -17.05 13.07
CA GLY A 105 17.12 -18.23 12.90
C GLY A 105 16.27 -18.19 11.64
N ARG A 106 14.96 -18.15 11.82
CA ARG A 106 14.00 -18.33 10.72
C ARG A 106 14.03 -17.17 9.72
N VAL A 107 14.12 -17.52 8.44
CA VAL A 107 14.06 -16.55 7.33
C VAL A 107 12.59 -16.30 6.94
N ASN A 108 12.25 -15.02 6.80
CA ASN A 108 10.95 -14.62 6.27
C ASN A 108 11.03 -14.57 4.73
N GLN A 109 10.53 -15.59 4.06
CA GLN A 109 10.65 -15.65 2.59
C GLN A 109 9.93 -14.53 1.85
N GLU A 110 8.82 -14.06 2.39
CA GLU A 110 8.09 -12.93 1.80
C GLU A 110 8.96 -11.66 1.82
N GLY A 111 9.72 -11.48 2.89
CA GLY A 111 10.68 -10.37 2.99
C GLY A 111 11.78 -10.46 1.96
N VAL A 112 12.35 -11.66 1.83
CA VAL A 112 13.38 -11.90 0.82
C VAL A 112 12.84 -11.58 -0.58
N ALA A 113 11.62 -12.00 -0.84
CA ALA A 113 10.97 -11.78 -2.15
C ALA A 113 10.83 -10.29 -2.46
N TYR A 114 10.46 -9.50 -1.45
CA TYR A 114 10.37 -8.03 -1.65
C TYR A 114 11.68 -7.44 -2.16
N TYR A 115 12.78 -7.73 -1.46
CA TYR A 115 14.07 -7.17 -1.86
C TYR A 115 14.53 -7.74 -3.21
N ASN A 116 14.26 -9.02 -3.46
CA ASN A 116 14.52 -9.55 -4.80
C ASN A 116 13.78 -8.77 -5.89
N ASN A 117 12.50 -8.51 -5.65
CA ASN A 117 11.67 -7.78 -6.61
C ASN A 117 12.17 -6.36 -6.82
N LEU A 118 12.55 -5.70 -5.74
CA LEU A 118 13.11 -4.34 -5.79
C LEU A 118 14.43 -4.29 -6.56
N ILE A 119 15.37 -5.14 -6.17
CA ILE A 119 16.68 -5.23 -6.81
C ILE A 119 16.53 -5.54 -8.31
N ASN A 120 15.71 -6.53 -8.64
CA ASN A 120 15.50 -6.90 -10.03
C ASN A 120 14.87 -5.79 -10.87
N TYR A 121 13.94 -5.04 -10.29
CA TYR A 121 13.31 -3.95 -11.03
C TYR A 121 14.29 -2.79 -11.27
N LEU A 122 15.05 -2.43 -10.22
CA LEU A 122 16.10 -1.43 -10.33
C LEU A 122 17.03 -1.78 -11.49
N LEU A 123 17.51 -3.01 -11.53
CA LEU A 123 18.43 -3.45 -12.58
C LEU A 123 17.77 -3.47 -13.97
N GLN A 124 16.51 -3.90 -14.04
CA GLN A 124 15.74 -3.86 -15.29
C GLN A 124 15.68 -2.43 -15.84
N LYS A 125 15.55 -1.46 -14.93
CA LYS A 125 15.43 -0.05 -15.31
C LYS A 125 16.78 0.67 -15.40
N GLY A 126 17.87 -0.08 -15.29
CA GLY A 126 19.21 0.49 -15.38
C GLY A 126 19.63 1.37 -14.20
N ILE A 127 19.12 1.07 -13.01
CA ILE A 127 19.51 1.81 -11.79
C ILE A 127 20.35 0.88 -10.90
N THR A 128 21.57 1.31 -10.55
CA THR A 128 22.47 0.51 -9.72
C THR A 128 22.04 0.52 -8.24
N PRO A 129 21.78 -0.66 -7.66
CA PRO A 129 21.49 -0.71 -6.22
C PRO A 129 22.74 -0.54 -5.34
N TYR A 130 22.68 0.40 -4.42
CA TYR A 130 23.67 0.57 -3.36
C TYR A 130 22.96 0.24 -2.07
N VAL A 131 23.35 -0.83 -1.41
CA VAL A 131 22.49 -1.42 -0.39
C VAL A 131 23.12 -1.36 0.99
N ASN A 132 22.45 -0.66 1.90
CA ASN A 132 22.79 -0.65 3.31
C ASN A 132 22.18 -1.84 4.02
N LEU A 133 22.99 -2.51 4.83
CA LEU A 133 22.49 -3.63 5.63
C LEU A 133 21.74 -3.19 6.88
N TYR A 134 22.08 -2.00 7.38
CA TYR A 134 21.58 -1.53 8.67
C TYR A 134 21.40 -0.02 8.64
N HIS A 135 20.22 0.44 9.04
CA HIS A 135 19.92 1.85 9.17
C HIS A 135 19.04 2.08 10.41
N TYR A 136 19.65 1.89 11.58
CA TYR A 136 19.06 2.13 12.93
C TYR A 136 18.09 1.04 13.42
N ASP A 137 17.68 0.16 12.52
CA ASP A 137 16.51 -0.70 12.72
C ASP A 137 16.85 -2.09 13.25
N LEU A 138 17.57 -2.12 14.37
CA LEU A 138 17.90 -3.38 15.04
C LEU A 138 16.63 -4.17 15.36
N PRO A 139 16.59 -5.49 15.01
CA PRO A 139 15.47 -6.32 15.43
C PRO A 139 15.23 -6.23 16.92
N LEU A 140 13.98 -5.98 17.32
CA LEU A 140 13.66 -5.82 18.74
C LEU A 140 14.10 -7.05 19.54
N ALA A 141 13.95 -8.24 18.94
CA ALA A 141 14.29 -9.48 19.61
C ALA A 141 15.77 -9.50 20.03
N LEU A 142 16.63 -8.91 19.21
CA LEU A 142 18.06 -8.86 19.54
C LEU A 142 18.37 -7.88 20.66
N GLU A 143 17.66 -6.77 20.69
CA GLU A 143 17.80 -5.80 21.78
C GLU A 143 17.43 -6.47 23.11
N LYS A 144 16.29 -7.18 23.12
CA LYS A 144 15.80 -7.83 24.34
C LYS A 144 16.66 -9.01 24.79
N LYS A 145 17.03 -9.87 23.84
CA LYS A 145 17.79 -11.09 24.15
C LYS A 145 19.27 -10.82 24.49
N TYR A 146 19.91 -9.93 23.73
CA TYR A 146 21.36 -9.74 23.82
C TYR A 146 21.81 -8.41 24.39
N GLY A 147 20.92 -7.43 24.44
CA GLY A 147 21.29 -6.06 24.83
C GLY A 147 21.85 -5.24 23.67
N GLY A 148 21.52 -5.66 22.45
CA GLY A 148 21.91 -4.92 21.25
C GLY A 148 23.40 -4.60 21.17
N TRP A 149 23.71 -3.36 20.79
CA TRP A 149 25.09 -2.98 20.45
C TRP A 149 26.04 -2.87 21.67
N LEU A 150 25.51 -3.08 22.87
CA LEU A 150 26.32 -3.21 24.07
C LEU A 150 27.03 -4.58 24.14
N ASN A 151 26.52 -5.54 23.40
CA ASN A 151 27.03 -6.91 23.43
C ASN A 151 27.97 -7.18 22.24
N ALA A 152 29.20 -7.56 22.56
CA ALA A 152 30.19 -7.98 21.54
C ALA A 152 29.67 -9.08 20.61
N LYS A 153 28.74 -9.90 21.09
CA LYS A 153 28.11 -10.96 20.26
C LYS A 153 27.41 -10.41 19.00
N MET A 154 27.14 -9.11 18.98
CA MET A 154 26.58 -8.47 17.77
C MET A 154 27.45 -8.71 16.53
N ALA A 155 28.76 -8.85 16.70
CA ALA A 155 29.64 -9.13 15.57
C ALA A 155 29.25 -10.43 14.86
N ASP A 156 29.04 -11.48 15.65
CA ASP A 156 28.59 -12.78 15.14
C ASP A 156 27.19 -12.67 14.52
N LEU A 157 26.28 -12.05 15.24
CA LEU A 157 24.89 -11.92 14.80
C LEU A 157 24.78 -11.13 13.49
N PHE A 158 25.48 -10.00 13.44
CA PHE A 158 25.47 -9.17 12.24
C PHE A 158 26.14 -9.89 11.07
N THR A 159 27.22 -10.61 11.34
CA THR A 159 27.94 -11.32 10.29
C THR A 159 27.05 -12.40 9.64
N GLU A 160 26.29 -13.12 10.46
CA GLU A 160 25.39 -14.16 9.94
C GLU A 160 24.27 -13.55 9.07
N TYR A 161 23.72 -12.44 9.51
CA TYR A 161 22.73 -11.67 8.72
C TYR A 161 23.35 -11.17 7.40
N ALA A 162 24.53 -10.56 7.50
CA ALA A 162 25.28 -10.08 6.33
C ALA A 162 25.59 -11.22 5.35
N ASP A 163 26.05 -12.35 5.88
CA ASP A 163 26.32 -13.54 5.09
C ASP A 163 25.10 -13.95 4.26
N PHE A 164 23.94 -14.00 4.91
CA PHE A 164 22.69 -14.34 4.22
C PHE A 164 22.41 -13.36 3.06
N CYS A 165 22.57 -12.07 3.33
CA CYS A 165 22.34 -11.05 2.31
C CYS A 165 23.32 -11.18 1.13
N PHE A 166 24.58 -11.44 1.43
CA PHE A 166 25.58 -11.62 0.37
C PHE A 166 25.22 -12.82 -0.50
N LYS A 167 24.87 -13.94 0.14
CA LYS A 167 24.50 -15.16 -0.56
C LYS A 167 23.26 -14.93 -1.43
N THR A 168 22.28 -14.27 -0.88
CA THR A 168 20.94 -14.18 -1.49
C THR A 168 20.85 -13.11 -2.59
N PHE A 169 21.55 -12.00 -2.39
CA PHE A 169 21.45 -10.86 -3.30
C PHE A 169 22.77 -10.48 -4.01
N GLY A 170 23.89 -10.99 -3.53
CA GLY A 170 25.21 -10.55 -3.99
C GLY A 170 25.59 -10.89 -5.43
N ASN A 171 24.89 -11.81 -6.06
CA ASN A 171 25.10 -12.02 -7.49
C ASN A 171 24.62 -10.83 -8.31
N ARG A 172 23.73 -10.02 -7.73
CA ARG A 172 23.19 -8.85 -8.40
C ARG A 172 23.66 -7.54 -7.76
N VAL A 173 23.72 -7.51 -6.43
CA VAL A 173 24.16 -6.32 -5.69
C VAL A 173 25.67 -6.35 -5.57
N LYS A 174 26.31 -5.29 -6.08
CA LYS A 174 27.78 -5.17 -6.08
C LYS A 174 28.31 -4.02 -5.22
N HIS A 175 27.40 -3.25 -4.65
CA HIS A 175 27.79 -2.11 -3.82
C HIS A 175 27.03 -2.18 -2.51
N TRP A 176 27.74 -2.52 -1.44
CA TRP A 176 27.15 -2.70 -0.12
C TRP A 176 27.67 -1.66 0.86
N PHE A 177 26.86 -1.36 1.86
CA PHE A 177 27.30 -0.67 3.06
C PHE A 177 26.81 -1.47 4.24
N THR A 178 27.61 -1.52 5.28
CA THR A 178 27.19 -2.23 6.48
C THR A 178 26.25 -1.33 7.28
N PHE A 179 26.80 -0.26 7.85
CA PHE A 179 26.08 0.59 8.80
C PHE A 179 25.87 2.01 8.31
N ASN A 180 24.87 2.65 8.91
CA ASN A 180 24.60 4.07 8.71
C ASN A 180 24.78 4.89 9.98
N GLN A 181 25.73 5.82 9.95
CA GLN A 181 25.98 6.75 11.04
C GLN A 181 26.03 6.10 12.42
N PRO A 182 27.00 5.20 12.64
CA PRO A 182 27.17 4.64 13.98
C PRO A 182 27.40 5.72 15.05
N ARG A 183 28.00 6.86 14.67
CA ARG A 183 28.18 7.96 15.63
C ARG A 183 26.84 8.43 16.21
N ILE A 184 25.82 8.50 15.38
CA ILE A 184 24.50 8.98 15.81
C ILE A 184 23.78 7.92 16.67
N VAL A 185 23.93 6.65 16.32
CA VAL A 185 23.43 5.59 17.19
C VAL A 185 24.07 5.69 18.58
N ALA A 186 25.40 5.81 18.60
CA ALA A 186 26.13 5.92 19.87
C ALA A 186 25.70 7.17 20.65
N LEU A 187 25.66 8.31 19.96
CA LEU A 187 25.33 9.60 20.58
C LEU A 187 23.87 9.69 21.07
N LEU A 188 22.92 9.43 20.18
CA LEU A 188 21.52 9.63 20.52
C LEU A 188 20.92 8.44 21.28
N GLY A 189 21.41 7.24 20.99
CA GLY A 189 20.92 6.04 21.63
C GLY A 189 21.50 5.79 23.01
N TYR A 190 22.72 6.28 23.25
CA TYR A 190 23.48 5.87 24.46
C TYR A 190 24.17 6.99 25.26
N ASP A 191 24.25 8.19 24.68
CA ASP A 191 24.78 9.36 25.38
C ASP A 191 23.60 10.24 25.79
N GLN A 192 22.87 10.77 24.82
CA GLN A 192 21.71 11.61 25.09
C GLN A 192 20.45 10.81 25.47
N GLY A 193 20.34 9.60 24.93
CA GLY A 193 19.20 8.72 25.21
C GLY A 193 17.89 9.20 24.61
N THR A 194 17.98 9.91 23.48
CA THR A 194 16.81 10.44 22.78
C THR A 194 16.39 9.59 21.58
N ASN A 195 17.21 8.61 21.20
CA ASN A 195 16.83 7.61 20.22
C ASN A 195 16.85 6.24 20.88
N PRO A 196 16.14 5.25 20.31
CA PRO A 196 16.20 3.93 20.93
C PRO A 196 17.64 3.39 20.98
N PRO A 197 18.02 2.69 22.07
CA PRO A 197 17.22 2.19 23.19
C PRO A 197 16.98 3.16 24.34
N LYS A 198 17.21 4.45 24.10
CA LYS A 198 16.98 5.50 25.09
C LYS A 198 17.81 5.29 26.36
N ARG A 199 19.09 5.00 26.17
CA ARG A 199 19.98 4.79 27.30
C ARG A 199 20.85 6.01 27.56
N CYS A 200 21.09 6.27 28.84
CA CYS A 200 21.89 7.42 29.27
C CYS A 200 22.01 7.36 30.80
N THR A 201 22.89 8.16 31.36
CA THR A 201 23.12 8.16 32.79
C THR A 201 21.82 8.40 33.58
N LYS A 202 21.05 9.39 33.17
CA LYS A 202 19.76 9.72 33.85
C LYS A 202 18.59 8.75 33.51
N CYS A 203 18.67 8.11 32.35
CA CYS A 203 17.53 7.47 31.69
C CYS A 203 16.82 6.32 32.45
N ALA A 204 15.51 6.25 32.29
CA ALA A 204 14.69 5.17 32.85
C ALA A 204 15.14 3.78 32.41
N ALA A 205 15.60 3.66 31.17
CA ALA A 205 16.06 2.35 30.65
C ALA A 205 17.44 1.95 31.19
N GLY A 206 18.07 2.84 31.94
CA GLY A 206 19.41 2.63 32.43
C GLY A 206 20.44 3.21 31.46
N GLY A 207 21.71 2.99 31.78
CA GLY A 207 22.80 3.40 30.91
C GLY A 207 23.86 4.23 31.60
N ASN A 208 24.81 4.71 30.81
CA ASN A 208 25.94 5.48 31.28
C ASN A 208 26.54 6.22 30.09
N SER A 209 26.28 7.52 30.04
CA SER A 209 26.65 8.36 28.92
C SER A 209 28.17 8.49 28.72
N ALA A 210 28.94 8.18 29.75
CA ALA A 210 30.41 8.28 29.71
C ALA A 210 31.10 7.03 29.16
N THR A 211 30.41 5.90 29.17
CA THR A 211 31.02 4.61 28.79
C THR A 211 30.34 3.92 27.60
N GLU A 212 29.02 3.90 27.60
CA GLU A 212 28.26 3.12 26.62
C GLU A 212 28.45 3.57 25.16
N PRO A 213 28.54 4.90 24.90
CA PRO A 213 28.77 5.29 23.51
C PRO A 213 30.04 4.69 22.93
N TYR A 214 31.08 4.56 23.76
CA TYR A 214 32.35 4.00 23.31
C TYR A 214 32.25 2.49 23.10
N ILE A 215 31.51 1.80 23.96
CA ILE A 215 31.31 0.35 23.82
C ILE A 215 30.57 0.09 22.51
N VAL A 216 29.53 0.88 22.28
CA VAL A 216 28.67 0.74 21.10
C VAL A 216 29.44 1.00 19.80
N ALA A 217 30.23 2.06 19.77
CA ALA A 217 31.04 2.38 18.59
C ALA A 217 32.03 1.26 18.29
N HIS A 218 32.61 0.71 19.35
CA HIS A 218 33.61 -0.34 19.24
C HIS A 218 32.98 -1.58 18.63
N ASN A 219 31.79 -1.92 19.10
CA ASN A 219 31.07 -3.07 18.57
C ASN A 219 30.60 -2.89 17.12
N PHE A 220 30.25 -1.65 16.73
CA PHE A 220 29.97 -1.36 15.31
C PHE A 220 31.21 -1.61 14.44
N LEU A 221 32.36 -1.12 14.88
CA LEU A 221 33.62 -1.34 14.15
C LEU A 221 33.99 -2.82 14.02
N LEU A 222 33.89 -3.55 15.14
CA LEU A 222 34.19 -4.99 15.13
C LEU A 222 33.20 -5.78 14.28
N SER A 223 31.94 -5.37 14.32
CA SER A 223 30.88 -6.01 13.51
C SER A 223 31.09 -5.75 12.01
N HIS A 224 31.40 -4.50 11.68
CA HIS A 224 31.73 -4.16 10.31
C HIS A 224 32.87 -5.00 9.79
N ALA A 225 33.96 -5.03 10.57
CA ALA A 225 35.17 -5.77 10.19
C ALA A 225 34.88 -7.27 9.98
N ALA A 226 34.08 -7.84 10.86
CA ALA A 226 33.76 -9.25 10.79
C ALA A 226 32.93 -9.57 9.54
N ALA A 227 31.98 -8.70 9.22
CA ALA A 227 31.11 -8.89 8.05
C ALA A 227 31.93 -8.78 6.76
N VAL A 228 32.84 -7.81 6.72
CA VAL A 228 33.72 -7.62 5.56
C VAL A 228 34.69 -8.79 5.40
N ALA A 229 35.27 -9.27 6.51
CA ALA A 229 36.10 -10.47 6.46
C ALA A 229 35.35 -11.66 5.88
N ARG A 230 34.08 -11.86 6.29
CA ARG A 230 33.23 -12.89 5.72
C ARG A 230 33.00 -12.67 4.22
N TYR A 231 32.70 -11.44 3.83
CA TYR A 231 32.55 -11.12 2.40
C TYR A 231 33.79 -11.48 1.58
N ARG A 232 34.96 -11.05 2.07
CA ARG A 232 36.22 -11.22 1.37
C ARG A 232 36.65 -12.68 1.28
N THR A 233 36.43 -13.43 2.35
CA THR A 233 36.87 -14.83 2.39
C THR A 233 35.90 -15.81 1.73
N LYS A 234 34.63 -15.45 1.61
CA LYS A 234 33.61 -16.39 1.11
C LYS A 234 32.95 -15.97 -0.22
N TYR A 235 32.69 -14.68 -0.40
CA TYR A 235 31.85 -14.23 -1.52
C TYR A 235 32.54 -13.38 -2.59
N GLN A 236 33.59 -12.66 -2.23
CA GLN A 236 34.13 -11.65 -3.14
C GLN A 236 34.74 -12.22 -4.41
N ALA A 237 35.41 -13.36 -4.30
CA ALA A 237 35.99 -14.01 -5.48
C ALA A 237 34.94 -14.23 -6.57
N ALA A 238 33.79 -14.77 -6.17
CA ALA A 238 32.70 -15.05 -7.09
C ALA A 238 31.93 -13.78 -7.48
N GLN A 239 31.62 -12.93 -6.50
CA GLN A 239 30.67 -11.82 -6.71
C GLN A 239 31.35 -10.52 -7.18
N GLN A 240 32.58 -10.32 -6.75
CA GLN A 240 33.40 -9.20 -7.22
C GLN A 240 32.72 -7.83 -6.97
N GLY A 241 32.13 -7.71 -5.80
CA GLY A 241 31.55 -6.48 -5.32
C GLY A 241 32.40 -5.83 -4.24
N LYS A 242 31.81 -4.82 -3.61
CA LYS A 242 32.49 -4.00 -2.62
C LYS A 242 31.60 -3.75 -1.41
N VAL A 243 32.24 -3.56 -0.26
CA VAL A 243 31.52 -3.26 0.97
C VAL A 243 32.18 -2.06 1.66
N GLY A 244 31.39 -1.04 1.95
CA GLY A 244 31.84 0.10 2.74
C GLY A 244 30.99 0.32 3.98
N ILE A 245 31.04 1.53 4.48
CA ILE A 245 30.32 1.93 5.68
C ILE A 245 29.97 3.41 5.51
N VAL A 246 28.87 3.84 6.11
CA VAL A 246 28.42 5.22 5.99
C VAL A 246 28.60 5.94 7.32
N LEU A 247 29.33 7.04 7.26
CA LEU A 247 29.66 7.83 8.44
C LEU A 247 29.16 9.27 8.27
N ASP A 248 28.59 9.84 9.32
CA ASP A 248 28.22 11.26 9.26
C ASP A 248 29.45 12.11 9.49
N PHE A 249 29.53 13.23 8.77
CA PHE A 249 30.62 14.18 8.96
C PHE A 249 30.10 15.56 8.64
N ASN A 250 29.95 16.37 9.68
CA ASN A 250 29.73 17.79 9.48
C ASN A 250 31.04 18.53 9.74
N TRP A 251 31.24 19.61 9.00
CA TRP A 251 32.52 20.31 9.04
C TRP A 251 32.63 21.15 10.31
N TYR A 252 33.85 21.20 10.84
CA TYR A 252 34.18 22.08 11.97
C TYR A 252 35.29 23.01 11.54
N GLU A 253 35.04 24.31 11.68
CA GLU A 253 36.00 25.35 11.34
C GLU A 253 36.40 26.09 12.61
N ALA A 254 37.69 26.29 12.81
CA ALA A 254 38.14 27.07 13.96
C ALA A 254 37.46 28.42 13.95
N LEU A 255 36.97 28.86 15.10
CA LEU A 255 36.31 30.16 15.21
C LEU A 255 37.28 31.33 14.93
N SER A 256 38.51 31.18 15.39
CA SER A 256 39.58 32.14 15.09
C SER A 256 40.84 31.36 14.77
N ASN A 257 41.91 32.05 14.40
CA ASN A 257 43.18 31.39 14.12
C ASN A 257 44.06 31.15 15.34
N SER A 258 43.51 31.32 16.53
CA SER A 258 44.24 31.04 17.77
C SER A 258 44.60 29.54 17.85
N THR A 259 45.66 29.27 18.59
CA THR A 259 46.10 27.89 18.82
C THR A 259 44.99 27.07 19.47
N GLU A 260 44.32 27.66 20.46
CA GLU A 260 43.25 26.94 21.19
C GLU A 260 42.05 26.63 20.28
N ASP A 261 41.66 27.58 19.45
CA ASP A 261 40.51 27.39 18.55
C ASP A 261 40.83 26.39 17.42
N GLN A 262 42.05 26.49 16.87
CA GLN A 262 42.50 25.51 15.87
C GLN A 262 42.56 24.09 16.46
N ALA A 263 43.06 23.97 17.69
CA ALA A 263 43.10 22.67 18.39
C ALA A 263 41.67 22.14 18.63
N ALA A 264 40.76 23.02 19.01
CA ALA A 264 39.36 22.65 19.25
C ALA A 264 38.70 22.10 17.98
N ALA A 265 38.90 22.78 16.85
CA ALA A 265 38.31 22.32 15.60
C ALA A 265 38.83 20.93 15.25
N GLN A 266 40.13 20.71 15.45
CA GLN A 266 40.75 19.43 15.13
C GLN A 266 40.31 18.35 16.11
N ARG A 267 40.19 18.71 17.39
CA ARG A 267 39.67 17.80 18.39
C ARG A 267 38.25 17.34 18.02
N ALA A 268 37.42 18.28 17.59
CA ALA A 268 36.04 17.99 17.20
C ALA A 268 36.00 17.04 15.98
N ARG A 269 36.82 17.32 14.96
CA ARG A 269 36.95 16.41 13.81
C ARG A 269 37.31 15.00 14.26
N ASP A 270 38.27 14.90 15.16
CA ASP A 270 38.73 13.58 15.66
C ASP A 270 37.66 12.80 16.42
N PHE A 271 36.91 13.49 17.28
CA PHE A 271 35.83 12.85 18.04
C PHE A 271 34.59 12.53 17.19
N HIS A 272 34.46 13.24 16.07
CA HIS A 272 33.30 13.10 15.20
C HIS A 272 33.53 12.01 14.13
N ILE A 273 34.51 12.23 13.28
CA ILE A 273 34.78 11.32 12.15
C ILE A 273 36.02 10.45 12.40
N GLY A 274 37.05 10.99 13.05
CA GLY A 274 38.25 10.22 13.37
C GLY A 274 37.96 8.99 14.23
N TRP A 275 36.95 9.11 15.07
CA TRP A 275 36.47 8.02 15.93
C TRP A 275 36.33 6.71 15.14
N TYR A 276 35.84 6.82 13.90
CA TYR A 276 35.65 5.67 13.00
C TYR A 276 36.71 5.57 11.89
N LEU A 277 37.14 6.71 11.33
CA LEU A 277 38.09 6.67 10.22
C LEU A 277 39.50 6.27 10.64
N ASP A 278 39.95 6.70 11.80
CA ASP A 278 41.28 6.30 12.25
C ASP A 278 41.36 4.77 12.43
N PRO A 279 40.34 4.15 13.06
CA PRO A 279 40.39 2.69 13.06
C PRO A 279 40.32 2.06 11.65
N LEU A 280 39.42 2.56 10.81
CA LEU A 280 39.19 1.97 9.48
C LEU A 280 40.36 2.18 8.52
N ILE A 281 41.06 3.29 8.66
CA ILE A 281 42.18 3.61 7.76
C ILE A 281 43.54 3.24 8.38
N ASN A 282 43.72 3.59 9.65
CA ASN A 282 45.03 3.49 10.30
C ASN A 282 45.12 2.39 11.37
N GLY A 283 44.01 1.76 11.69
CA GLY A 283 44.04 0.68 12.69
C GLY A 283 44.17 1.09 14.16
N HIS A 284 43.82 2.32 14.48
CA HIS A 284 43.76 2.77 15.87
C HIS A 284 42.79 3.92 16.05
N TYR A 285 42.31 4.12 17.27
CA TYR A 285 41.52 5.31 17.58
C TYR A 285 42.39 6.57 17.54
N PRO A 286 41.79 7.75 17.27
CA PRO A 286 42.60 8.97 17.28
C PRO A 286 43.36 9.14 18.60
N GLN A 287 44.59 9.64 18.50
CA GLN A 287 45.43 9.85 19.68
C GLN A 287 44.75 10.70 20.75
N ILE A 288 44.06 11.76 20.34
CA ILE A 288 43.39 12.66 21.27
C ILE A 288 42.27 11.96 22.08
N MET A 289 41.57 11.03 21.43
CA MET A 289 40.57 10.22 22.13
C MET A 289 41.23 9.26 23.12
N GLN A 290 42.33 8.65 22.71
CA GLN A 290 43.08 7.78 23.62
C GLN A 290 43.57 8.58 24.85
N ASP A 291 44.06 9.79 24.60
CA ASP A 291 44.57 10.67 25.67
C ASP A 291 43.49 11.15 26.65
N LEU A 292 42.32 11.51 26.13
CA LEU A 292 41.27 12.13 26.94
C LEU A 292 40.28 11.14 27.53
N VAL A 293 39.93 10.11 26.76
CA VAL A 293 38.90 9.14 27.18
C VAL A 293 39.52 8.00 27.98
N LYS A 294 40.80 7.71 27.70
CA LYS A 294 41.59 6.75 28.46
C LYS A 294 40.92 5.38 28.61
N ASP A 295 40.74 4.95 29.87
CA ASP A 295 40.23 3.62 30.20
C ASP A 295 38.79 3.35 29.71
N ARG A 296 38.03 4.41 29.43
CA ARG A 296 36.67 4.27 28.91
C ARG A 296 36.63 3.98 27.41
N LEU A 297 37.77 4.15 26.74
CA LEU A 297 37.87 3.83 25.30
C LEU A 297 38.39 2.39 25.18
N PRO A 298 37.57 1.49 24.62
CA PRO A 298 38.04 0.10 24.44
C PRO A 298 39.32 0.03 23.60
N LYS A 299 40.15 -0.98 23.88
CA LYS A 299 41.37 -1.22 23.12
C LYS A 299 41.16 -2.35 22.16
N PHE A 300 41.47 -2.12 20.90
CA PHE A 300 41.60 -3.20 19.92
C PHE A 300 42.81 -4.04 20.27
N THR A 301 42.67 -5.36 20.18
CA THR A 301 43.84 -6.25 20.18
C THR A 301 44.55 -6.03 18.83
N PRO A 302 45.85 -6.41 18.73
CA PRO A 302 46.54 -6.31 17.43
C PRO A 302 45.77 -7.02 16.31
N GLU A 303 45.24 -8.20 16.60
CA GLU A 303 44.49 -8.97 15.59
C GLU A 303 43.20 -8.22 15.18
N GLN A 304 42.51 -7.66 16.17
CA GLN A 304 41.28 -6.89 15.88
C GLN A 304 41.58 -5.65 15.08
N ALA A 305 42.62 -4.91 15.48
CA ALA A 305 43.04 -3.71 14.73
C ALA A 305 43.38 -4.04 13.28
N ARG A 306 44.02 -5.18 13.03
CA ARG A 306 44.39 -5.61 11.67
C ARG A 306 43.15 -6.04 10.86
N LEU A 307 42.12 -6.53 11.54
CA LEU A 307 40.86 -6.86 10.87
C LEU A 307 40.06 -5.60 10.49
N VAL A 308 40.11 -4.61 11.38
CA VAL A 308 39.40 -3.34 11.18
C VAL A 308 40.09 -2.44 10.15
N LYS A 309 41.42 -2.29 10.26
CA LYS A 309 42.17 -1.51 9.28
C LYS A 309 42.00 -2.06 7.86
N GLY A 310 41.64 -1.18 6.93
CA GLY A 310 41.50 -1.52 5.51
C GLY A 310 40.21 -2.26 5.18
N SER A 311 39.29 -2.33 6.15
CA SER A 311 38.04 -3.10 5.98
C SER A 311 36.89 -2.36 5.28
N ALA A 312 37.12 -1.13 4.84
CA ALA A 312 36.11 -0.42 4.01
C ALA A 312 36.67 -0.18 2.61
N ASP A 313 35.98 -0.71 1.59
CA ASP A 313 36.34 -0.51 0.19
C ASP A 313 36.10 0.94 -0.27
N TYR A 314 35.17 1.61 0.38
CA TYR A 314 34.92 3.04 0.19
C TYR A 314 34.29 3.55 1.47
N ILE A 315 34.38 4.85 1.66
CA ILE A 315 33.83 5.51 2.83
C ILE A 315 32.65 6.34 2.39
N GLY A 316 31.47 5.96 2.86
CA GLY A 316 30.30 6.78 2.67
C GLY A 316 30.32 7.92 3.67
N ILE A 317 30.15 9.13 3.18
CA ILE A 317 30.04 10.32 4.04
C ILE A 317 28.68 10.98 3.85
N ASN A 318 27.93 11.06 4.95
CA ASN A 318 26.72 11.87 5.01
C ASN A 318 27.12 13.29 5.45
N GLN A 319 26.96 14.25 4.54
CA GLN A 319 27.45 15.61 4.74
C GLN A 319 26.27 16.56 4.66
N TYR A 320 26.01 17.29 5.73
CA TYR A 320 24.86 18.20 5.76
C TYR A 320 25.25 19.65 6.08
N THR A 321 26.14 19.83 7.05
CA THR A 321 26.27 21.14 7.68
C THR A 321 27.68 21.40 8.24
N ALA A 322 27.84 22.56 8.86
CA ALA A 322 29.12 23.00 9.40
C ALA A 322 28.89 23.84 10.64
N SER A 323 29.89 23.91 11.51
CA SER A 323 29.86 24.86 12.64
C SER A 323 31.26 25.37 12.91
N TYR A 324 31.34 26.45 13.68
CA TYR A 324 32.60 26.92 14.22
C TYR A 324 32.87 26.19 15.53
N MET A 325 34.14 26.11 15.91
CA MET A 325 34.56 25.52 17.16
C MET A 325 35.48 26.48 17.93
N LYS A 326 35.16 26.64 19.21
CA LYS A 326 35.92 27.47 20.13
C LYS A 326 36.53 26.55 21.18
N GLY A 327 37.79 26.81 21.51
CA GLY A 327 38.49 25.97 22.47
C GLY A 327 38.86 26.71 23.72
N GLN A 328 39.48 25.97 24.62
CA GLN A 328 39.93 26.45 25.92
C GLN A 328 41.08 25.54 26.37
N GLN A 329 41.67 25.84 27.53
CA GLN A 329 42.68 24.95 28.11
C GLN A 329 42.07 23.58 28.37
N LEU A 330 42.74 22.53 27.89
CA LEU A 330 42.32 21.16 28.21
C LEU A 330 42.51 20.94 29.71
N MET A 331 41.48 20.45 30.37
CA MET A 331 41.49 20.30 31.83
C MET A 331 41.12 18.89 32.27
N GLN A 332 41.60 18.52 33.45
CA GLN A 332 41.19 17.28 34.10
C GLN A 332 39.74 17.46 34.54
N GLN A 333 38.88 16.54 34.16
CA GLN A 333 37.47 16.60 34.56
C GLN A 333 36.91 15.21 34.83
N THR A 334 35.95 15.13 35.74
CA THR A 334 35.22 13.88 36.02
C THR A 334 34.41 13.52 34.77
N PRO A 335 34.55 12.28 34.27
CA PRO A 335 33.86 11.90 33.05
C PRO A 335 32.36 11.98 33.22
N THR A 336 31.68 12.58 32.24
CA THR A 336 30.21 12.62 32.26
C THR A 336 29.57 12.07 30.99
N SER A 337 30.15 12.39 29.84
CA SER A 337 29.58 11.93 28.57
C SER A 337 30.55 12.01 27.40
N TYR A 338 30.31 11.17 26.40
CA TYR A 338 30.99 11.29 25.10
C TYR A 338 31.03 12.74 24.65
N SER A 339 29.88 13.41 24.66
CA SER A 339 29.78 14.80 24.18
C SER A 339 30.69 15.76 24.99
N ALA A 340 30.66 15.63 26.30
CA ALA A 340 31.48 16.49 27.18
C ALA A 340 32.98 16.17 27.07
N ASP A 341 33.32 14.95 26.64
CA ASP A 341 34.72 14.53 26.47
C ASP A 341 35.52 15.37 25.47
N TRP A 342 34.84 15.98 24.49
CA TRP A 342 35.50 16.75 23.42
C TRP A 342 36.18 18.01 23.97
N GLN A 343 35.63 18.56 25.05
CA GLN A 343 36.11 19.84 25.63
C GLN A 343 36.17 20.97 24.58
N VAL A 344 35.06 21.15 23.87
CA VAL A 344 34.93 22.20 22.87
C VAL A 344 33.59 22.90 23.02
N THR A 345 33.48 24.06 22.39
CA THR A 345 32.21 24.77 22.29
C THR A 345 31.86 25.04 20.83
N ALA A 346 30.74 24.47 20.39
CA ALA A 346 30.19 24.73 19.06
C ALA A 346 29.64 26.15 19.00
N VAL A 347 29.97 26.86 17.92
CA VAL A 347 29.58 28.25 17.74
C VAL A 347 29.03 28.39 16.32
N PHE A 348 27.92 29.12 16.19
CA PHE A 348 27.19 29.15 14.91
C PHE A 348 27.17 30.53 14.24
N ALA A 349 28.04 31.42 14.72
CA ALA A 349 28.19 32.75 14.15
C ALA A 349 29.65 33.19 14.28
N LYS A 350 30.09 34.01 13.35
CA LYS A 350 31.43 34.60 13.41
C LYS A 350 31.35 36.05 12.94
N ASN A 351 32.06 36.93 13.62
CA ASN A 351 32.02 38.37 13.30
C ASN A 351 30.59 38.93 13.24
N GLY A 352 29.73 38.42 14.10
CA GLY A 352 28.33 38.89 14.16
C GLY A 352 27.39 38.36 13.09
N LYS A 353 27.87 37.49 12.21
CA LYS A 353 27.04 36.91 11.15
C LYS A 353 26.88 35.39 11.34
N PRO A 354 25.64 34.86 11.21
CA PRO A 354 25.45 33.42 11.31
C PRO A 354 26.28 32.68 10.25
N ILE A 355 26.69 31.46 10.56
CA ILE A 355 27.45 30.63 9.63
C ILE A 355 26.63 30.35 8.37
N GLY A 356 25.31 30.27 8.53
CA GLY A 356 24.39 30.10 7.41
C GLY A 356 22.97 30.10 7.93
N PRO A 357 21.97 30.23 7.04
CA PRO A 357 20.58 30.11 7.49
C PRO A 357 20.25 28.65 7.82
N GLN A 358 19.24 28.44 8.65
CA GLN A 358 18.83 27.09 9.01
C GLN A 358 17.74 26.61 8.07
N ALA A 359 17.78 25.32 7.75
CA ALA A 359 16.64 24.68 7.12
C ALA A 359 15.60 24.39 8.23
N ASN A 360 14.63 23.52 7.99
CA ASN A 360 13.63 23.21 9.01
C ASN A 360 14.23 22.58 10.28
N SER A 361 15.17 21.66 10.09
CA SER A 361 15.85 21.02 11.22
C SER A 361 16.80 22.03 11.86
N ASN A 362 16.73 22.17 13.19
CA ASN A 362 17.49 23.22 13.89
C ASN A 362 19.00 23.02 13.79
N TRP A 363 19.41 21.76 13.65
CA TRP A 363 20.83 21.40 13.52
C TRP A 363 21.40 21.67 12.12
N LEU A 364 20.52 21.89 11.14
CA LEU A 364 20.96 21.94 9.73
C LEU A 364 21.16 23.38 9.26
N TYR A 365 22.38 23.88 9.40
CA TYR A 365 22.76 25.18 8.88
C TYR A 365 23.22 24.98 7.44
N ILE A 366 22.72 25.81 6.53
CA ILE A 366 23.04 25.69 5.10
C ILE A 366 24.40 26.37 4.88
N VAL A 367 25.44 25.54 4.75
CA VAL A 367 26.82 26.02 4.68
C VAL A 367 27.55 25.23 3.60
N PRO A 368 27.42 25.68 2.34
CA PRO A 368 27.94 24.86 1.24
C PRO A 368 29.44 24.59 1.36
N TRP A 369 30.19 25.56 1.88
CA TRP A 369 31.64 25.39 2.01
C TRP A 369 32.04 24.27 2.98
N GLY A 370 31.09 23.83 3.81
CA GLY A 370 31.31 22.66 4.67
C GLY A 370 31.54 21.39 3.87
N MET A 371 30.89 21.28 2.72
CA MET A 371 31.11 20.13 1.81
C MET A 371 32.56 20.07 1.34
N TYR A 372 33.07 21.21 0.89
CA TYR A 372 34.49 21.29 0.50
C TYR A 372 35.39 20.95 1.68
N GLY A 373 35.12 21.57 2.82
CA GLY A 373 35.90 21.35 4.03
C GLY A 373 36.06 19.88 4.40
N CYS A 374 34.95 19.17 4.47
CA CYS A 374 34.92 17.75 4.82
C CYS A 374 35.69 16.86 3.83
N VAL A 375 35.41 17.06 2.55
CA VAL A 375 36.01 16.25 1.48
C VAL A 375 37.53 16.51 1.38
N ASN A 376 37.91 17.77 1.32
CA ASN A 376 39.33 18.13 1.31
C ASN A 376 40.06 17.57 2.54
N TYR A 377 39.42 17.65 3.70
CA TYR A 377 40.02 17.15 4.94
C TYR A 377 40.32 15.64 4.87
N ILE A 378 39.32 14.86 4.44
CA ILE A 378 39.49 13.42 4.31
C ILE A 378 40.60 13.08 3.29
N LYS A 379 40.61 13.81 2.18
CA LYS A 379 41.65 13.66 1.17
C LYS A 379 43.03 13.82 1.80
N GLN A 380 43.23 14.93 2.49
CA GLN A 380 44.54 15.33 3.05
C GLN A 380 44.99 14.52 4.26
N LYS A 381 44.04 14.09 5.09
CA LYS A 381 44.36 13.44 6.36
C LYS A 381 44.53 11.92 6.24
N TYR A 382 43.70 11.30 5.42
CA TYR A 382 43.58 9.84 5.38
C TYR A 382 44.04 9.17 4.09
N GLY A 383 44.90 9.85 3.33
CA GLY A 383 45.51 9.28 2.14
C GLY A 383 44.56 9.17 0.96
N ASN A 384 43.59 10.07 0.90
CA ASN A 384 42.65 10.18 -0.22
C ASN A 384 41.93 8.86 -0.52
N PRO A 385 41.26 8.29 0.49
CA PRO A 385 40.49 7.06 0.27
C PRO A 385 39.30 7.33 -0.65
N THR A 386 38.76 6.28 -1.26
CA THR A 386 37.57 6.44 -2.09
C THR A 386 36.40 6.83 -1.21
N VAL A 387 35.82 7.97 -1.52
CA VAL A 387 34.69 8.54 -0.79
C VAL A 387 33.46 8.53 -1.68
N VAL A 388 32.32 8.21 -1.08
CA VAL A 388 31.02 8.41 -1.72
C VAL A 388 30.19 9.33 -0.81
N ILE A 389 29.70 10.45 -1.33
CA ILE A 389 28.77 11.27 -0.58
C ILE A 389 27.44 10.53 -0.58
N THR A 390 27.09 9.92 0.55
CA THR A 390 25.98 9.00 0.63
C THR A 390 24.65 9.64 1.07
N GLU A 391 24.73 10.87 1.56
CA GLU A 391 23.57 11.70 1.87
C GLU A 391 23.98 13.16 1.84
N ASN A 392 23.13 13.98 1.24
CA ASN A 392 23.23 15.44 1.30
C ASN A 392 21.85 16.01 0.93
N GLY A 393 21.35 16.95 1.71
CA GLY A 393 20.01 17.48 1.50
C GLY A 393 19.54 18.39 2.62
N MET A 394 18.32 18.89 2.48
CA MET A 394 17.77 19.83 3.45
C MET A 394 16.27 19.67 3.53
N ASP A 395 15.67 20.15 4.62
CA ASP A 395 14.23 19.93 4.83
C ASP A 395 13.37 21.19 4.88
N GLN A 396 12.13 21.00 4.44
CA GLN A 396 11.06 21.98 4.55
C GLN A 396 10.20 21.67 5.77
N PRO A 397 9.51 22.68 6.30
CA PRO A 397 8.67 22.46 7.48
C PRO A 397 7.34 21.77 7.16
N ALA A 398 6.60 21.44 8.20
CA ALA A 398 5.26 20.86 8.09
C ALA A 398 4.26 21.93 7.64
N ASN A 399 3.09 21.47 7.22
CA ASN A 399 1.89 22.34 7.08
C ASN A 399 1.89 23.31 5.90
N LEU A 400 2.82 23.16 4.95
CA LEU A 400 2.80 23.97 3.74
C LEU A 400 1.75 23.42 2.78
N SER A 401 1.36 24.21 1.79
CA SER A 401 0.49 23.69 0.73
C SER A 401 1.33 22.85 -0.23
N ARG A 402 0.65 22.03 -1.02
CA ARG A 402 1.35 21.23 -2.02
C ARG A 402 2.20 22.17 -2.87
N ASP A 403 1.61 23.23 -3.38
CA ASP A 403 2.34 24.12 -4.28
C ASP A 403 3.57 24.79 -3.62
N GLN A 404 3.46 25.11 -2.33
CA GLN A 404 4.59 25.59 -1.56
C GLN A 404 5.71 24.54 -1.46
N TYR A 405 5.35 23.27 -1.25
CA TYR A 405 6.34 22.18 -1.22
C TYR A 405 7.04 22.04 -2.57
N LEU A 406 6.28 22.15 -3.65
CA LEU A 406 6.83 21.94 -5.00
C LEU A 406 7.77 23.04 -5.44
N ARG A 407 7.54 24.26 -4.96
CA ARG A 407 8.37 25.41 -5.33
C ARG A 407 9.56 25.53 -4.36
N ASP A 408 10.38 24.50 -4.32
CA ASP A 408 11.44 24.40 -3.30
C ASP A 408 12.73 25.09 -3.74
N THR A 409 12.61 26.39 -3.93
CA THR A 409 13.70 27.22 -4.45
C THR A 409 14.96 27.17 -3.55
N THR A 410 14.76 27.14 -2.23
CA THR A 410 15.86 27.01 -1.26
C THR A 410 16.64 25.69 -1.46
N ARG A 411 15.91 24.61 -1.70
CA ARG A 411 16.54 23.31 -1.95
C ARG A 411 17.29 23.29 -3.27
N VAL A 412 16.72 23.90 -4.31
CA VAL A 412 17.43 24.04 -5.58
C VAL A 412 18.78 24.76 -5.35
N HIS A 413 18.72 25.90 -4.68
CA HIS A 413 19.92 26.67 -4.33
C HIS A 413 20.91 25.82 -3.51
N PHE A 414 20.38 25.06 -2.55
CA PHE A 414 21.16 24.16 -1.69
C PHE A 414 22.00 23.19 -2.53
N TYR A 415 21.35 22.45 -3.40
CA TYR A 415 22.03 21.47 -4.25
C TYR A 415 23.02 22.10 -5.22
N ARG A 416 22.63 23.19 -5.86
CA ARG A 416 23.55 23.88 -6.77
C ARG A 416 24.82 24.30 -6.02
N SER A 417 24.66 24.90 -4.84
CA SER A 417 25.78 25.39 -4.03
C SER A 417 26.66 24.28 -3.45
N TYR A 418 26.04 23.27 -2.84
CA TYR A 418 26.78 22.16 -2.26
C TYR A 418 27.50 21.35 -3.35
N LEU A 419 26.84 21.13 -4.48
CA LEU A 419 27.48 20.39 -5.57
C LEU A 419 28.63 21.17 -6.23
N THR A 420 28.50 22.48 -6.28
CA THR A 420 29.58 23.34 -6.74
C THR A 420 30.81 23.19 -5.83
N GLN A 421 30.58 23.13 -4.53
CA GLN A 421 31.67 22.97 -3.55
C GLN A 421 32.30 21.57 -3.62
N LEU A 422 31.47 20.57 -3.82
CA LEU A 422 31.96 19.21 -4.04
C LEU A 422 32.83 19.14 -5.30
N LYS A 423 32.35 19.76 -6.37
CA LYS A 423 33.09 19.83 -7.64
C LYS A 423 34.48 20.47 -7.42
N LYS A 424 34.51 21.56 -6.65
CA LYS A 424 35.77 22.22 -6.30
C LYS A 424 36.77 21.24 -5.65
N ALA A 425 36.28 20.46 -4.69
CA ALA A 425 37.13 19.46 -4.01
C ALA A 425 37.60 18.35 -4.95
N ILE A 426 36.70 17.89 -5.81
CA ILE A 426 37.04 16.84 -6.78
C ILE A 426 38.08 17.36 -7.81
N ASP A 427 37.89 18.59 -8.28
CA ASP A 427 38.81 19.20 -9.26
C ASP A 427 40.20 19.39 -8.64
N GLU A 428 40.27 19.52 -7.32
CA GLU A 428 41.54 19.59 -6.60
C GLU A 428 42.12 18.22 -6.25
N GLY A 429 41.44 17.16 -6.69
CA GLY A 429 42.00 15.82 -6.60
C GLY A 429 41.38 14.84 -5.60
N ALA A 430 40.31 15.26 -4.92
CA ALA A 430 39.61 14.36 -4.01
C ALA A 430 39.01 13.14 -4.74
N ASN A 431 39.23 11.98 -4.18
CA ASN A 431 38.82 10.71 -4.73
C ASN A 431 37.34 10.39 -4.43
N VAL A 432 36.44 11.25 -4.90
CA VAL A 432 35.00 11.06 -4.68
C VAL A 432 34.39 10.33 -5.88
N ALA A 433 33.72 9.21 -5.62
CA ALA A 433 33.22 8.32 -6.69
C ALA A 433 31.72 8.50 -6.99
N GLY A 434 31.01 9.17 -6.10
CA GLY A 434 29.59 9.36 -6.28
C GLY A 434 28.95 10.30 -5.28
N TYR A 435 27.68 10.61 -5.54
CA TYR A 435 26.91 11.55 -4.76
C TYR A 435 25.41 11.14 -4.75
N PHE A 436 24.84 11.09 -3.56
CA PHE A 436 23.46 10.66 -3.33
C PHE A 436 22.68 11.70 -2.53
N ALA A 437 21.54 12.12 -3.08
CA ALA A 437 20.70 13.14 -2.44
C ALA A 437 19.75 12.51 -1.41
N TRP A 438 19.82 12.99 -0.18
CA TRP A 438 18.81 12.65 0.83
C TRP A 438 17.69 13.70 0.76
N SER A 439 16.47 13.34 0.39
CA SER A 439 16.02 11.99 0.07
C SER A 439 15.25 11.99 -1.25
N LEU A 440 15.07 10.83 -1.84
CA LEU A 440 14.18 10.71 -3.01
C LEU A 440 12.79 11.27 -2.68
N LEU A 441 12.29 10.93 -1.50
CA LEU A 441 10.91 11.22 -1.10
C LEU A 441 10.84 11.85 0.28
N ASP A 442 9.85 12.72 0.50
CA ASP A 442 9.48 13.10 1.85
C ASP A 442 9.14 11.80 2.60
N ASN A 443 9.60 11.69 3.84
CA ASN A 443 9.47 10.42 4.55
C ASN A 443 9.33 10.56 6.07
N PHE A 444 9.40 9.43 6.78
CA PHE A 444 9.37 9.42 8.24
C PHE A 444 10.73 9.85 8.78
N GLU A 445 10.80 11.06 9.32
CA GLU A 445 12.08 11.65 9.76
C GLU A 445 12.30 11.47 11.27
N TRP A 446 12.35 10.21 11.69
CA TRP A 446 12.71 9.81 13.06
C TRP A 446 11.90 10.62 14.10
N LEU A 447 12.56 11.34 15.01
CA LEU A 447 11.82 12.09 16.06
C LEU A 447 10.87 13.16 15.50
N SER A 448 11.16 13.66 14.31
CA SER A 448 10.32 14.69 13.67
C SER A 448 9.11 14.10 12.97
N GLY A 449 9.03 12.78 12.91
CA GLY A 449 7.93 12.11 12.21
C GLY A 449 7.77 12.68 10.82
N TYR A 450 6.54 13.06 10.48
CA TYR A 450 6.23 13.60 9.14
C TYR A 450 6.22 15.14 9.10
N THR A 451 6.85 15.77 10.10
CA THR A 451 6.92 17.25 10.19
C THR A 451 8.14 17.84 9.48
N SER A 452 9.02 16.96 9.02
CA SER A 452 10.24 17.36 8.30
C SER A 452 10.22 16.73 6.91
N LYS A 453 10.36 17.57 5.88
CA LYS A 453 10.25 17.13 4.49
C LYS A 453 11.60 17.31 3.74
N PHE A 454 12.35 16.20 3.63
CA PHE A 454 13.65 16.17 2.96
C PHE A 454 13.65 15.79 1.46
N GLY A 455 12.50 15.42 0.92
CA GLY A 455 12.47 14.84 -0.44
C GLY A 455 12.67 15.81 -1.59
N ILE A 456 13.21 15.33 -2.69
CA ILE A 456 13.16 16.06 -3.96
C ILE A 456 11.80 15.77 -4.64
N VAL A 457 11.12 14.73 -4.14
CA VAL A 457 9.75 14.40 -4.55
C VAL A 457 8.84 14.56 -3.32
N TYR A 458 7.79 15.34 -3.50
CA TYR A 458 6.76 15.55 -2.49
C TYR A 458 5.86 14.33 -2.32
N VAL A 459 5.60 13.97 -1.06
CA VAL A 459 4.63 12.91 -0.78
C VAL A 459 3.48 13.50 0.01
N ASP A 460 2.28 13.38 -0.54
CA ASP A 460 1.07 13.78 0.16
C ASP A 460 0.77 12.68 1.17
N PHE A 461 0.90 12.98 2.46
CA PHE A 461 0.76 11.89 3.45
C PHE A 461 -0.68 11.45 3.78
N ASN A 462 -1.65 12.12 3.18
CA ASN A 462 -3.05 11.65 3.22
C ASN A 462 -3.38 10.65 2.13
N THR A 463 -2.93 10.95 0.91
CA THR A 463 -3.26 10.14 -0.27
C THR A 463 -2.10 9.21 -0.69
N LEU A 464 -0.91 9.53 -0.20
CA LEU A 464 0.39 8.89 -0.59
C LEU A 464 0.87 9.20 -2.02
N GLU A 465 0.19 10.11 -2.73
CA GLU A 465 0.59 10.51 -4.08
C GLU A 465 1.97 11.16 -4.08
N ARG A 466 2.76 10.85 -5.11
CA ARG A 466 4.06 11.49 -5.33
C ARG A 466 3.94 12.63 -6.32
N HIS A 467 4.63 13.74 -6.05
CA HIS A 467 4.72 14.87 -6.97
C HIS A 467 6.16 15.41 -6.95
N PRO A 468 6.89 15.34 -8.07
CA PRO A 468 8.24 15.90 -8.12
C PRO A 468 8.25 17.39 -7.84
N LYS A 469 9.18 17.83 -7.00
CA LYS A 469 9.38 19.24 -6.67
C LYS A 469 10.33 19.86 -7.70
N ALA A 470 10.52 21.17 -7.62
CA ALA A 470 11.45 21.88 -8.53
C ALA A 470 12.86 21.27 -8.48
N SER A 471 13.31 20.89 -7.29
CA SER A 471 14.63 20.26 -7.11
C SER A 471 14.77 18.93 -7.87
N ALA A 472 13.69 18.15 -7.96
CA ALA A 472 13.69 16.94 -8.80
C ALA A 472 13.95 17.28 -10.27
N TYR A 473 13.25 18.30 -10.76
CA TYR A 473 13.44 18.73 -12.15
C TYR A 473 14.82 19.35 -12.37
N TRP A 474 15.35 20.00 -11.33
CA TRP A 474 16.72 20.49 -11.38
C TRP A 474 17.70 19.33 -11.63
N PHE A 475 17.57 18.26 -10.84
CA PHE A 475 18.41 17.08 -11.04
C PHE A 475 18.22 16.48 -12.44
N ARG A 476 16.98 16.37 -12.88
CA ARG A 476 16.68 15.81 -14.20
C ARG A 476 17.43 16.59 -15.28
N ASP A 477 17.37 17.91 -15.18
CA ASP A 477 18.08 18.78 -16.13
C ASP A 477 19.58 18.66 -16.01
N MET A 478 20.07 18.65 -14.76
CA MET A 478 21.52 18.58 -14.54
C MET A 478 22.10 17.24 -15.00
N LEU A 479 21.33 16.16 -14.85
CA LEU A 479 21.83 14.80 -15.04
C LEU A 479 21.54 14.17 -16.41
N LYS A 480 20.91 14.90 -17.31
CA LYS A 480 20.58 14.32 -18.62
C LYS A 480 21.86 13.80 -19.30
N HIS A 481 21.79 12.58 -19.80
CA HIS A 481 22.96 11.83 -20.27
C HIS A 481 23.40 12.35 -21.62
N ASN B 10 -24.46 15.27 -28.87
CA ASN B 10 -23.08 15.44 -28.34
C ASN B 10 -22.63 14.16 -27.69
N TRP B 11 -21.39 14.13 -27.19
CA TRP B 11 -20.82 12.89 -26.62
C TRP B 11 -21.59 12.42 -25.35
N LEU B 12 -22.22 13.37 -24.67
CA LEU B 12 -23.18 13.05 -23.58
C LEU B 12 -24.56 12.56 -24.10
N GLY B 13 -24.85 12.84 -25.37
CA GLY B 13 -26.11 12.42 -25.99
C GLY B 13 -27.34 12.97 -25.29
N GLY B 14 -27.25 14.21 -24.83
CA GLY B 14 -28.33 14.88 -24.12
C GLY B 14 -28.51 14.43 -22.67
N LEU B 15 -27.60 13.61 -22.17
CA LEU B 15 -27.66 13.18 -20.78
C LEU B 15 -26.96 14.18 -19.86
N SER B 16 -27.54 14.33 -18.67
CA SER B 16 -27.04 15.19 -17.60
C SER B 16 -27.89 14.89 -16.38
N ARG B 17 -27.56 15.50 -15.24
CA ARG B 17 -28.37 15.34 -14.04
C ARG B 17 -29.82 15.82 -14.22
N ALA B 18 -30.01 16.87 -15.02
CA ALA B 18 -31.33 17.38 -15.35
C ALA B 18 -32.22 16.35 -16.08
N ALA B 19 -31.57 15.40 -16.77
CA ALA B 19 -32.27 14.35 -17.50
C ALA B 19 -32.83 13.24 -16.61
N PHE B 20 -32.42 13.24 -15.33
CA PHE B 20 -32.85 12.25 -14.36
C PHE B 20 -33.62 12.93 -13.22
N PRO B 21 -34.38 12.15 -12.42
CA PRO B 21 -35.18 12.74 -11.33
C PRO B 21 -34.36 13.55 -10.35
N LYS B 22 -35.03 14.53 -9.75
CA LYS B 22 -34.45 15.34 -8.69
C LYS B 22 -33.94 14.36 -7.61
N ARG B 23 -32.73 14.61 -7.14
CA ARG B 23 -32.10 13.81 -6.07
C ARG B 23 -31.71 12.37 -6.47
N PHE B 24 -31.75 12.07 -7.77
CA PHE B 24 -31.32 10.76 -8.28
C PHE B 24 -29.83 10.60 -7.94
N VAL B 25 -29.47 9.42 -7.43
CA VAL B 25 -28.12 9.15 -6.92
C VAL B 25 -27.23 8.48 -7.97
N PHE B 26 -26.05 9.07 -8.22
CA PHE B 26 -25.04 8.49 -9.10
C PHE B 26 -23.80 8.11 -8.30
N GLY B 27 -23.32 6.89 -8.50
CA GLY B 27 -22.14 6.41 -7.79
C GLY B 27 -21.30 5.45 -8.59
N THR B 28 -20.18 5.03 -7.99
CA THR B 28 -19.35 3.97 -8.53
C THR B 28 -19.29 2.87 -7.48
N VAL B 29 -18.82 1.70 -7.88
CA VAL B 29 -18.86 0.54 -7.00
C VAL B 29 -17.55 -0.25 -7.04
N THR B 30 -17.20 -0.83 -5.89
CA THR B 30 -16.13 -1.81 -5.76
C THR B 30 -16.61 -2.88 -4.79
N SER B 31 -15.81 -3.91 -4.56
CA SER B 31 -16.07 -4.84 -3.45
C SER B 31 -14.76 -5.08 -2.74
N ALA B 32 -14.85 -5.51 -1.49
CA ALA B 32 -13.68 -5.59 -0.62
C ALA B 32 -12.54 -6.44 -1.19
N TYR B 33 -12.81 -7.70 -1.51
CA TYR B 33 -11.75 -8.58 -1.96
C TYR B 33 -11.15 -8.12 -3.30
N GLN B 34 -11.99 -7.49 -4.11
CA GLN B 34 -11.59 -7.07 -5.44
C GLN B 34 -10.70 -5.84 -5.47
N VAL B 35 -10.76 -5.00 -4.43
CA VAL B 35 -9.94 -3.77 -4.43
C VAL B 35 -9.04 -3.50 -3.22
N GLU B 36 -9.39 -4.03 -2.05
CA GLU B 36 -8.75 -3.58 -0.80
C GLU B 36 -7.25 -3.91 -0.75
N GLY B 37 -6.93 -5.16 -1.07
CA GLY B 37 -5.63 -5.71 -0.76
C GLY B 37 -5.50 -5.92 0.74
N MET B 38 -4.27 -5.93 1.23
CA MET B 38 -4.00 -6.27 2.64
C MET B 38 -4.82 -7.48 3.10
N ALA B 39 -4.84 -8.51 2.28
CA ALA B 39 -5.74 -9.66 2.48
C ALA B 39 -5.35 -10.47 3.71
N ALA B 40 -4.05 -10.56 3.96
CA ALA B 40 -3.53 -11.29 5.13
C ALA B 40 -2.79 -10.33 6.06
N SER B 41 -3.23 -9.08 6.10
CA SER B 41 -2.63 -8.08 6.94
C SER B 41 -3.72 -7.30 7.64
N GLY B 42 -3.30 -6.43 8.57
CA GLY B 42 -4.22 -5.59 9.31
C GLY B 42 -5.17 -6.41 10.17
N GLY B 43 -4.76 -7.64 10.46
CA GLY B 43 -5.52 -8.57 11.29
C GLY B 43 -6.64 -9.33 10.59
N ARG B 44 -6.76 -9.14 9.27
CA ARG B 44 -7.81 -9.81 8.51
C ARG B 44 -7.62 -11.31 8.50
N GLY B 45 -8.68 -12.06 8.75
CA GLY B 45 -8.66 -13.51 8.58
C GLY B 45 -9.00 -13.90 7.15
N PRO B 46 -8.64 -15.13 6.75
CA PRO B 46 -8.91 -15.54 5.37
C PRO B 46 -10.38 -15.78 5.08
N SER B 47 -10.77 -15.51 3.86
CA SER B 47 -12.10 -15.88 3.36
C SER B 47 -11.98 -17.09 2.45
N ILE B 48 -13.12 -17.63 2.04
CA ILE B 48 -13.13 -18.73 1.09
C ILE B 48 -12.43 -18.34 -0.23
N TRP B 49 -12.46 -17.06 -0.57
CA TRP B 49 -11.77 -16.59 -1.78
C TRP B 49 -10.24 -16.53 -1.63
N ASP B 50 -9.74 -16.30 -0.41
CA ASP B 50 -8.29 -16.34 -0.20
C ASP B 50 -7.77 -17.74 -0.44
N ALA B 51 -8.45 -18.71 0.16
CA ALA B 51 -8.05 -20.12 0.01
C ALA B 51 -8.15 -20.57 -1.45
N PHE B 52 -9.26 -20.21 -2.09
CA PHE B 52 -9.51 -20.54 -3.52
C PHE B 52 -8.45 -19.92 -4.44
N ALA B 53 -8.22 -18.62 -4.30
CA ALA B 53 -7.30 -17.90 -5.21
C ALA B 53 -5.84 -18.33 -5.04
N HIS B 54 -5.49 -18.80 -3.85
CA HIS B 54 -4.12 -19.26 -3.58
C HIS B 54 -3.85 -20.69 -4.05
N THR B 55 -4.90 -21.39 -4.48
CA THR B 55 -4.76 -22.72 -5.04
C THR B 55 -4.37 -22.61 -6.54
N PRO B 56 -3.23 -23.22 -6.93
CA PRO B 56 -2.82 -23.15 -8.33
C PRO B 56 -3.90 -23.63 -9.29
N GLY B 57 -4.08 -22.91 -10.39
CA GLY B 57 -5.06 -23.28 -11.41
C GLY B 57 -6.43 -22.64 -11.30
N ASN B 58 -6.78 -22.13 -10.13
CA ASN B 58 -8.15 -21.62 -9.89
C ASN B 58 -8.41 -20.27 -10.54
N VAL B 59 -7.42 -19.39 -10.53
CA VAL B 59 -7.54 -18.04 -11.10
C VAL B 59 -6.55 -17.85 -12.25
N ALA B 60 -6.95 -17.07 -13.25
CA ALA B 60 -6.07 -16.73 -14.37
C ALA B 60 -4.72 -16.29 -13.84
N GLY B 61 -3.65 -16.88 -14.40
CA GLY B 61 -2.26 -16.55 -14.02
C GLY B 61 -1.91 -16.83 -12.56
N ASN B 62 -2.70 -17.66 -11.90
CA ASN B 62 -2.57 -17.93 -10.45
C ASN B 62 -2.55 -16.65 -9.60
N GLN B 63 -3.34 -15.68 -10.03
CA GLN B 63 -3.38 -14.38 -9.35
C GLN B 63 -4.38 -14.42 -8.21
N ASN B 64 -4.25 -13.46 -7.31
CA ASN B 64 -5.09 -13.39 -6.13
C ASN B 64 -5.30 -11.93 -5.71
N GLY B 65 -6.08 -11.73 -4.65
CA GLY B 65 -6.37 -10.39 -4.16
C GLY B 65 -5.50 -9.93 -3.00
N ASP B 66 -4.34 -10.55 -2.82
CA ASP B 66 -3.44 -10.18 -1.71
C ASP B 66 -3.16 -8.69 -1.65
N VAL B 67 -2.86 -8.11 -2.81
CA VAL B 67 -2.60 -6.67 -2.95
C VAL B 67 -3.74 -5.96 -3.68
N ALA B 68 -4.25 -6.59 -4.73
CA ALA B 68 -5.35 -6.01 -5.54
C ALA B 68 -5.02 -4.57 -5.95
N THR B 69 -5.90 -3.60 -5.70
CA THR B 69 -5.57 -2.20 -6.03
C THR B 69 -4.92 -1.45 -4.86
N ASP B 70 -4.78 -2.14 -3.72
CA ASP B 70 -4.25 -1.55 -2.47
C ASP B 70 -5.08 -0.33 -2.01
N GLN B 71 -6.40 -0.42 -2.18
CA GLN B 71 -7.27 0.64 -1.72
C GLN B 71 -7.16 0.81 -0.19
N TYR B 72 -6.80 -0.25 0.50
CA TYR B 72 -6.57 -0.19 1.93
C TYR B 72 -5.65 0.97 2.35
N HIS B 73 -4.58 1.16 1.59
CA HIS B 73 -3.66 2.27 1.87
C HIS B 73 -3.98 3.54 1.09
N ARG B 74 -4.69 3.41 -0.02
CA ARG B 74 -4.86 4.52 -0.97
C ARG B 74 -6.27 5.11 -1.00
N TYR B 75 -7.10 4.79 -0.01
CA TYR B 75 -8.53 5.10 -0.08
C TYR B 75 -8.79 6.60 -0.22
N LYS B 76 -7.95 7.43 0.39
CA LYS B 76 -8.16 8.86 0.27
C LYS B 76 -7.94 9.37 -1.15
N GLU B 77 -6.94 8.83 -1.84
CA GLU B 77 -6.74 9.12 -3.25
C GLU B 77 -7.99 8.77 -4.05
N ASP B 78 -8.52 7.59 -3.80
CA ASP B 78 -9.66 7.06 -4.55
C ASP B 78 -10.94 7.89 -4.27
N VAL B 79 -11.14 8.27 -3.02
CA VAL B 79 -12.27 9.12 -2.66
C VAL B 79 -12.14 10.53 -3.29
N ASN B 80 -10.93 11.09 -3.25
CA ASN B 80 -10.69 12.37 -3.92
C ASN B 80 -11.04 12.26 -5.41
N LEU B 81 -10.69 11.14 -6.01
CA LEU B 81 -10.92 10.93 -7.43
C LEU B 81 -12.42 10.87 -7.70
N MET B 82 -13.16 10.07 -6.94
CA MET B 82 -14.59 9.96 -7.18
C MET B 82 -15.31 11.32 -6.97
N LYS B 83 -14.86 12.11 -6.01
CA LYS B 83 -15.42 13.46 -5.82
C LYS B 83 -15.10 14.34 -7.03
N SER B 84 -13.87 14.28 -7.51
CA SER B 84 -13.46 15.08 -8.68
C SER B 84 -14.27 14.71 -9.95
N LEU B 85 -14.82 13.49 -9.98
CA LEU B 85 -15.62 13.01 -11.10
C LEU B 85 -17.14 13.28 -10.92
N ASN B 86 -17.47 13.99 -9.85
CA ASN B 86 -18.84 14.47 -9.58
C ASN B 86 -19.86 13.40 -9.15
N PHE B 87 -19.38 12.25 -8.68
CA PHE B 87 -20.27 11.22 -8.14
C PHE B 87 -20.80 11.65 -6.77
N ASP B 88 -22.00 11.17 -6.43
CA ASP B 88 -22.67 11.49 -5.17
C ASP B 88 -22.46 10.43 -4.12
N ALA B 89 -22.12 9.23 -4.57
CA ALA B 89 -22.17 8.06 -3.70
C ALA B 89 -21.14 7.02 -4.07
N TYR B 90 -20.85 6.14 -3.12
CA TYR B 90 -19.89 5.06 -3.34
C TYR B 90 -20.40 3.78 -2.73
N ARG B 91 -20.55 2.75 -3.57
CA ARG B 91 -20.94 1.44 -3.09
C ARG B 91 -19.68 0.60 -2.89
N PHE B 92 -19.49 0.13 -1.65
CA PHE B 92 -18.36 -0.73 -1.31
C PHE B 92 -18.85 -1.77 -0.34
N SER B 93 -18.03 -2.77 -0.09
CA SER B 93 -18.41 -3.82 0.85
C SER B 93 -17.45 -3.89 2.04
N ILE B 94 -17.98 -4.34 3.16
CA ILE B 94 -17.20 -4.63 4.34
C ILE B 94 -16.78 -6.09 4.27
N SER B 95 -15.49 -6.38 4.45
CA SER B 95 -15.01 -7.76 4.51
C SER B 95 -15.32 -8.33 5.91
N TRP B 96 -16.21 -9.31 5.94
CA TRP B 96 -16.61 -9.98 7.19
C TRP B 96 -15.37 -10.46 7.97
N SER B 97 -14.43 -11.09 7.27
CA SER B 97 -13.25 -11.64 7.94
C SER B 97 -12.21 -10.59 8.30
N ARG B 98 -12.39 -9.35 7.84
CA ARG B 98 -11.56 -8.24 8.34
C ARG B 98 -12.09 -7.73 9.69
N ILE B 99 -13.40 -7.84 9.91
CA ILE B 99 -14.01 -7.47 11.20
C ILE B 99 -13.89 -8.61 12.20
N PHE B 100 -14.35 -9.78 11.78
CA PHE B 100 -14.31 -11.00 12.59
C PHE B 100 -13.43 -12.02 11.87
N PRO B 101 -12.15 -12.10 12.24
CA PRO B 101 -11.26 -13.02 11.52
C PRO B 101 -11.76 -14.48 11.45
N ASP B 102 -12.46 -14.92 12.49
CA ASP B 102 -13.06 -16.25 12.53
C ASP B 102 -14.55 -16.27 12.20
N GLY B 103 -15.11 -15.13 11.81
CA GLY B 103 -16.52 -15.01 11.43
C GLY B 103 -17.48 -14.84 12.59
N GLU B 104 -16.97 -15.03 13.81
CA GLU B 104 -17.75 -14.99 15.06
C GLU B 104 -16.73 -14.74 16.15
N GLY B 105 -17.17 -14.24 17.30
CA GLY B 105 -16.27 -14.04 18.45
C GLY B 105 -15.46 -12.74 18.40
N ARG B 106 -14.14 -12.87 18.35
CA ARG B 106 -13.21 -11.75 18.53
C ARG B 106 -13.29 -10.71 17.40
N VAL B 107 -13.40 -9.45 17.79
CA VAL B 107 -13.38 -8.32 16.85
C VAL B 107 -11.94 -7.89 16.57
N ASN B 108 -11.64 -7.68 15.30
CA ASN B 108 -10.35 -7.12 14.88
C ASN B 108 -10.47 -5.60 14.84
N GLN B 109 -9.98 -4.92 15.89
CA GLN B 109 -10.16 -3.47 15.99
C GLN B 109 -9.48 -2.69 14.86
N GLU B 110 -8.35 -3.19 14.37
CA GLU B 110 -7.67 -2.55 13.24
C GLU B 110 -8.58 -2.53 11.98
N GLY B 111 -9.33 -3.61 11.79
CA GLY B 111 -10.30 -3.71 10.69
C GLY B 111 -11.44 -2.73 10.82
N VAL B 112 -11.99 -2.64 12.03
CA VAL B 112 -13.01 -1.64 12.36
C VAL B 112 -12.52 -0.21 12.08
N ALA B 113 -11.29 0.07 12.51
CA ALA B 113 -10.70 1.40 12.29
C ALA B 113 -10.59 1.73 10.79
N TYR B 114 -10.24 0.73 9.97
CA TYR B 114 -10.17 0.98 8.52
C TYR B 114 -11.51 1.48 7.98
N TYR B 115 -12.58 0.72 8.27
CA TYR B 115 -13.90 1.11 7.74
C TYR B 115 -14.39 2.41 8.36
N ASN B 116 -14.06 2.66 9.62
CA ASN B 116 -14.36 3.97 10.21
C ASN B 116 -13.69 5.08 9.44
N ASN B 117 -12.41 4.90 9.14
CA ASN B 117 -11.62 5.90 8.41
C ASN B 117 -12.15 6.16 7.01
N LEU B 118 -12.52 5.08 6.32
CA LEU B 118 -13.11 5.16 4.99
C LEU B 118 -14.46 5.90 5.01
N ILE B 119 -15.37 5.46 5.88
CA ILE B 119 -16.71 6.06 6.02
C ILE B 119 -16.59 7.55 6.37
N ASN B 120 -15.76 7.85 7.36
CA ASN B 120 -15.57 9.24 7.75
C ASN B 120 -15.00 10.13 6.65
N TYR B 121 -14.08 9.60 5.85
CA TYR B 121 -13.49 10.39 4.77
C TYR B 121 -14.50 10.63 3.65
N LEU B 122 -15.21 9.57 3.28
CA LEU B 122 -16.32 9.68 2.33
C LEU B 122 -17.28 10.80 2.73
N LEU B 123 -17.72 10.79 3.98
CA LEU B 123 -18.65 11.82 4.45
C LEU B 123 -18.03 13.24 4.49
N GLN B 124 -16.76 13.33 4.87
CA GLN B 124 -16.03 14.60 4.87
C GLN B 124 -16.02 15.19 3.45
N LYS B 125 -15.90 14.32 2.46
CA LYS B 125 -15.83 14.73 1.05
C LYS B 125 -17.20 14.81 0.37
N GLY B 126 -18.26 14.60 1.13
CA GLY B 126 -19.64 14.70 0.62
C GLY B 126 -20.06 13.54 -0.27
N ILE B 127 -19.53 12.35 -0.02
CA ILE B 127 -19.87 11.15 -0.80
C ILE B 127 -20.67 10.21 0.11
N THR B 128 -21.87 9.83 -0.30
CA THR B 128 -22.72 8.94 0.50
C THR B 128 -22.27 7.47 0.43
N PRO B 129 -21.95 6.87 1.60
CA PRO B 129 -21.62 5.45 1.60
C PRO B 129 -22.85 4.53 1.47
N TYR B 130 -22.80 3.65 0.48
CA TYR B 130 -23.77 2.58 0.30
C TYR B 130 -22.99 1.29 0.58
N VAL B 131 -23.35 0.60 1.66
CA VAL B 131 -22.45 -0.43 2.19
C VAL B 131 -23.04 -1.83 2.12
N ASN B 132 -22.36 -2.68 1.36
CA ASN B 132 -22.67 -4.10 1.30
C ASN B 132 -22.00 -4.85 2.43
N LEU B 133 -22.77 -5.69 3.12
CA LEU B 133 -22.22 -6.51 4.21
C LEU B 133 -21.47 -7.72 3.69
N TYR B 134 -21.85 -8.21 2.51
CA TYR B 134 -21.31 -9.45 2.00
C TYR B 134 -21.16 -9.38 0.49
N HIS B 135 -19.99 -9.76 0.00
CA HIS B 135 -19.72 -9.84 -1.44
C HIS B 135 -18.81 -11.04 -1.69
N TYR B 136 -19.39 -12.23 -1.53
CA TYR B 136 -18.77 -13.54 -1.83
C TYR B 136 -17.75 -14.04 -0.78
N ASP B 137 -17.33 -13.15 0.11
CA ASP B 137 -16.13 -13.35 0.93
C ASP B 137 -16.42 -13.93 2.32
N LEU B 138 -17.12 -15.06 2.34
CA LEU B 138 -17.39 -15.78 3.58
C LEU B 138 -16.09 -16.10 4.35
N PRO B 139 -16.05 -15.79 5.67
CA PRO B 139 -14.88 -16.18 6.45
C PRO B 139 -14.59 -17.67 6.32
N LEU B 140 -13.34 -18.01 6.03
CA LEU B 140 -12.98 -19.40 5.81
C LEU B 140 -13.36 -20.26 7.02
N ALA B 141 -13.20 -19.70 8.21
CA ALA B 141 -13.49 -20.42 9.44
C ALA B 141 -14.95 -20.89 9.50
N LEU B 142 -15.87 -20.08 8.96
CA LEU B 142 -17.29 -20.42 8.96
C LEU B 142 -17.60 -21.52 7.96
N GLU B 143 -16.90 -21.51 6.83
CA GLU B 143 -17.04 -22.57 5.84
C GLU B 143 -16.61 -23.93 6.45
N LYS B 144 -15.49 -23.91 7.16
CA LYS B 144 -14.93 -25.13 7.73
C LYS B 144 -15.75 -25.66 8.92
N LYS B 145 -16.17 -24.75 9.80
CA LYS B 145 -16.87 -25.12 11.02
C LYS B 145 -18.34 -25.46 10.78
N TYR B 146 -19.01 -24.71 9.92
CA TYR B 146 -20.47 -24.82 9.75
C TYR B 146 -20.94 -25.35 8.39
N GLY B 147 -20.05 -25.37 7.41
CA GLY B 147 -20.44 -25.71 6.03
C GLY B 147 -21.06 -24.55 5.27
N GLY B 148 -20.77 -23.32 5.71
CA GLY B 148 -21.22 -22.12 5.02
C GLY B 148 -22.72 -22.08 4.75
N TRP B 149 -23.09 -21.66 3.55
CA TRP B 149 -24.49 -21.35 3.23
C TRP B 149 -25.40 -22.59 3.12
N LEU B 150 -24.82 -23.77 3.25
CA LEU B 150 -25.59 -25.01 3.37
C LEU B 150 -26.25 -25.15 4.74
N ASN B 151 -25.73 -24.44 5.74
CA ASN B 151 -26.20 -24.50 7.12
C ASN B 151 -27.16 -23.36 7.45
N ALA B 152 -28.39 -23.70 7.84
CA ALA B 152 -29.38 -22.72 8.31
C ALA B 152 -28.85 -21.81 9.44
N LYS B 153 -27.88 -22.30 10.21
CA LYS B 153 -27.24 -21.50 11.28
C LYS B 153 -26.61 -20.19 10.75
N MET B 154 -26.38 -20.12 9.44
CA MET B 154 -25.88 -18.87 8.82
C MET B 154 -26.78 -17.68 9.10
N ALA B 155 -28.08 -17.89 9.27
CA ALA B 155 -28.98 -16.78 9.60
C ALA B 155 -28.56 -16.11 10.92
N ASP B 156 -28.30 -16.91 11.95
CA ASP B 156 -27.83 -16.42 13.24
C ASP B 156 -26.45 -15.76 13.14
N LEU B 157 -25.55 -16.44 12.45
CA LEU B 157 -24.16 -15.95 12.31
C LEU B 157 -24.10 -14.65 11.54
N PHE B 158 -24.85 -14.57 10.44
CA PHE B 158 -24.88 -13.35 9.64
C PHE B 158 -25.55 -12.21 10.41
N THR B 159 -26.62 -12.53 11.14
CA THR B 159 -27.34 -11.50 11.89
C THR B 159 -26.45 -10.88 12.97
N GLU B 160 -25.63 -11.69 13.62
CA GLU B 160 -24.74 -11.18 14.66
C GLU B 160 -23.64 -10.28 14.06
N TYR B 161 -23.12 -10.66 12.90
CA TYR B 161 -22.19 -9.81 12.14
C TYR B 161 -22.85 -8.50 11.68
N ALA B 162 -24.04 -8.61 11.11
CA ALA B 162 -24.83 -7.44 10.69
C ALA B 162 -25.11 -6.50 11.87
N ASP B 163 -25.52 -7.08 13.01
CA ASP B 163 -25.80 -6.32 14.23
C ASP B 163 -24.58 -5.48 14.64
N PHE B 164 -23.41 -6.11 14.65
CA PHE B 164 -22.17 -5.40 14.96
C PHE B 164 -21.94 -4.23 14.01
N CYS B 165 -22.13 -4.46 12.72
CA CYS B 165 -21.94 -3.41 11.73
C CYS B 165 -22.93 -2.26 11.90
N PHE B 166 -24.20 -2.59 12.19
CA PHE B 166 -25.21 -1.55 12.42
C PHE B 166 -24.87 -0.71 13.64
N LYS B 167 -24.49 -1.37 14.72
CA LYS B 167 -24.09 -0.69 15.97
C LYS B 167 -22.86 0.22 15.75
N THR B 168 -21.87 -0.31 15.07
CA THR B 168 -20.57 0.34 14.94
C THR B 168 -20.53 1.45 13.89
N PHE B 169 -21.25 1.28 12.78
CA PHE B 169 -21.23 2.24 11.67
C PHE B 169 -22.55 2.92 11.35
N GLY B 170 -23.66 2.40 11.87
CA GLY B 170 -25.00 2.85 11.48
C GLY B 170 -25.41 4.27 11.86
N ASN B 171 -24.68 4.89 12.77
CA ASN B 171 -24.92 6.31 13.04
C ASN B 171 -24.48 7.18 11.88
N ARG B 172 -23.60 6.64 11.04
CA ARG B 172 -23.13 7.36 9.84
C ARG B 172 -23.61 6.75 8.53
N VAL B 173 -23.64 5.42 8.47
CA VAL B 173 -24.08 4.71 7.27
C VAL B 173 -25.59 4.54 7.33
N LYS B 174 -26.28 5.07 6.32
CA LYS B 174 -27.74 5.05 6.23
C LYS B 174 -28.29 4.21 5.07
N HIS B 175 -27.40 3.65 4.26
CA HIS B 175 -27.81 2.84 3.11
C HIS B 175 -27.00 1.56 3.12
N TRP B 176 -27.67 0.46 3.45
CA TRP B 176 -27.05 -0.85 3.57
C TRP B 176 -27.58 -1.80 2.51
N PHE B 177 -26.76 -2.77 2.15
CA PHE B 177 -27.19 -3.96 1.45
C PHE B 177 -26.65 -5.17 2.19
N THR B 178 -27.44 -6.22 2.24
CA THR B 178 -26.98 -7.44 2.91
C THR B 178 -26.04 -8.21 1.97
N PHE B 179 -26.60 -8.74 0.89
CA PHE B 179 -25.87 -9.63 -0.01
C PHE B 179 -25.70 -9.11 -1.42
N ASN B 180 -24.69 -9.66 -2.12
CA ASN B 180 -24.47 -9.41 -3.53
C ASN B 180 -24.65 -10.67 -4.38
N GLN B 181 -25.64 -10.63 -5.27
CA GLN B 181 -25.85 -11.70 -6.24
C GLN B 181 -25.86 -13.11 -5.62
N PRO B 182 -26.80 -13.38 -4.71
CA PRO B 182 -26.90 -14.73 -4.18
C PRO B 182 -27.12 -15.78 -5.27
N ARG B 183 -27.74 -15.39 -6.39
CA ARG B 183 -27.94 -16.32 -7.52
C ARG B 183 -26.60 -16.86 -8.03
N ILE B 184 -25.61 -15.97 -8.12
CA ILE B 184 -24.29 -16.35 -8.63
C ILE B 184 -23.53 -17.22 -7.64
N VAL B 185 -23.65 -16.92 -6.35
CA VAL B 185 -23.10 -17.80 -5.32
C VAL B 185 -23.73 -19.19 -5.43
N ALA B 186 -25.05 -19.26 -5.52
CA ALA B 186 -25.75 -20.53 -5.64
C ALA B 186 -25.34 -21.27 -6.93
N LEU B 187 -25.37 -20.57 -8.05
CA LEU B 187 -25.03 -21.14 -9.36
C LEU B 187 -23.56 -21.58 -9.49
N LEU B 188 -22.64 -20.67 -9.22
CA LEU B 188 -21.21 -20.95 -9.46
C LEU B 188 -20.57 -21.74 -8.33
N GLY B 189 -21.04 -21.51 -7.11
CA GLY B 189 -20.50 -22.18 -5.93
C GLY B 189 -21.06 -23.57 -5.69
N TYR B 190 -22.27 -23.83 -6.17
CA TYR B 190 -22.99 -25.06 -5.79
C TYR B 190 -23.68 -25.84 -6.92
N ASP B 191 -23.79 -25.24 -8.10
CA ASP B 191 -24.36 -25.91 -9.29
C ASP B 191 -23.20 -26.28 -10.22
N GLN B 192 -22.49 -25.27 -10.73
CA GLN B 192 -21.36 -25.49 -11.62
C GLN B 192 -20.07 -25.84 -10.86
N GLY B 193 -19.95 -25.34 -9.64
CA GLY B 193 -18.78 -25.60 -8.79
C GLY B 193 -17.49 -24.97 -9.29
N THR B 194 -17.61 -23.82 -9.95
CA THR B 194 -16.46 -23.07 -10.46
C THR B 194 -16.04 -21.89 -9.59
N ASN B 195 -16.85 -21.54 -8.60
CA ASN B 195 -16.48 -20.58 -7.57
C ASN B 195 -16.44 -21.29 -6.22
N PRO B 196 -15.75 -20.73 -5.23
CA PRO B 196 -15.76 -21.39 -3.93
C PRO B 196 -17.18 -21.50 -3.35
N PRO B 197 -17.51 -22.62 -2.69
CA PRO B 197 -16.67 -23.73 -2.24
C PRO B 197 -16.44 -24.86 -3.26
N LYS B 198 -16.69 -24.59 -4.54
CA LYS B 198 -16.45 -25.54 -5.63
C LYS B 198 -17.24 -26.82 -5.45
N ARG B 199 -18.52 -26.69 -5.12
CA ARG B 199 -19.36 -27.84 -4.90
C ARG B 199 -20.26 -28.08 -6.10
N CYS B 200 -20.46 -29.36 -6.41
CA CYS B 200 -21.29 -29.77 -7.55
C CYS B 200 -21.40 -31.29 -7.52
N THR B 201 -22.29 -31.85 -8.33
CA THR B 201 -22.48 -33.31 -8.35
C THR B 201 -21.15 -34.04 -8.63
N LYS B 202 -20.41 -33.59 -9.62
CA LYS B 202 -19.12 -34.22 -10.01
C LYS B 202 -17.93 -33.89 -9.07
N CYS B 203 -18.02 -32.76 -8.40
CA CYS B 203 -16.87 -32.09 -7.78
C CYS B 203 -16.14 -32.87 -6.69
N ALA B 204 -14.83 -32.67 -6.64
CA ALA B 204 -13.96 -33.24 -5.59
C ALA B 204 -14.42 -32.88 -4.18
N ALA B 205 -14.86 -31.64 -3.99
CA ALA B 205 -15.29 -31.16 -2.66
C ALA B 205 -16.64 -31.75 -2.23
N GLY B 206 -17.29 -32.44 -3.16
CA GLY B 206 -18.62 -32.99 -2.92
C GLY B 206 -19.68 -32.04 -3.46
N GLY B 207 -20.93 -32.37 -3.17
CA GLY B 207 -22.06 -31.53 -3.55
C GLY B 207 -23.11 -32.24 -4.37
N ASN B 208 -24.10 -31.45 -4.76
CA ASN B 208 -25.25 -31.95 -5.52
C ASN B 208 -25.89 -30.76 -6.22
N SER B 209 -25.70 -30.68 -7.54
CA SER B 209 -26.11 -29.53 -8.34
C SER B 209 -27.62 -29.37 -8.41
N ALA B 210 -28.38 -30.43 -8.12
CA ALA B 210 -29.83 -30.42 -8.18
C ALA B 210 -30.48 -29.93 -6.87
N THR B 211 -29.76 -29.96 -5.77
CA THR B 211 -30.34 -29.65 -4.45
C THR B 211 -29.69 -28.46 -3.75
N GLU B 212 -28.36 -28.43 -3.75
CA GLU B 212 -27.63 -27.45 -2.96
C GLU B 212 -27.85 -25.99 -3.37
N PRO B 213 -27.98 -25.69 -4.68
CA PRO B 213 -28.26 -24.29 -5.04
C PRO B 213 -29.53 -23.74 -4.38
N TYR B 214 -30.56 -24.60 -4.26
CA TYR B 214 -31.81 -24.20 -3.62
C TYR B 214 -31.71 -24.03 -2.12
N ILE B 215 -30.94 -24.91 -1.46
CA ILE B 215 -30.67 -24.80 -0.03
C ILE B 215 -29.96 -23.47 0.26
N VAL B 216 -28.94 -23.19 -0.54
CA VAL B 216 -28.11 -21.99 -0.42
C VAL B 216 -28.94 -20.70 -0.64
N ALA B 217 -29.74 -20.66 -1.69
CA ALA B 217 -30.59 -19.48 -1.94
C ALA B 217 -31.57 -19.25 -0.80
N HIS B 218 -32.11 -20.35 -0.27
CA HIS B 218 -33.09 -20.28 0.83
C HIS B 218 -32.41 -19.68 2.07
N ASN B 219 -31.21 -20.14 2.36
CA ASN B 219 -30.47 -19.62 3.51
C ASN B 219 -30.06 -18.15 3.35
N PHE B 220 -29.78 -17.72 2.12
CA PHE B 220 -29.52 -16.27 1.86
C PHE B 220 -30.78 -15.44 2.16
N LEU B 221 -31.94 -15.92 1.70
CA LEU B 221 -33.20 -15.23 1.95
C LEU B 221 -33.54 -15.14 3.45
N LEU B 222 -33.41 -16.27 4.16
CA LEU B 222 -33.66 -16.30 5.60
C LEU B 222 -32.67 -15.44 6.40
N SER B 223 -31.41 -15.46 5.98
CA SER B 223 -30.35 -14.65 6.62
C SER B 223 -30.59 -13.15 6.38
N HIS B 224 -30.96 -12.79 5.16
CA HIS B 224 -31.34 -11.43 4.86
C HIS B 224 -32.51 -10.96 5.75
N ALA B 225 -33.55 -11.78 5.78
CA ALA B 225 -34.76 -11.45 6.56
C ALA B 225 -34.43 -11.26 8.04
N ALA B 226 -33.58 -12.13 8.57
CA ALA B 226 -33.19 -12.09 9.98
C ALA B 226 -32.39 -10.85 10.32
N ALA B 227 -31.49 -10.48 9.42
CA ALA B 227 -30.65 -9.29 9.61
C ALA B 227 -31.50 -8.00 9.55
N VAL B 228 -32.42 -7.97 8.61
CA VAL B 228 -33.33 -6.83 8.47
C VAL B 228 -34.27 -6.72 9.69
N ALA B 229 -34.80 -7.85 10.15
CA ALA B 229 -35.63 -7.84 11.37
C ALA B 229 -34.84 -7.27 12.56
N ARG B 230 -33.59 -7.66 12.70
CA ARG B 230 -32.72 -7.07 13.73
C ARG B 230 -32.53 -5.57 13.54
N TYR B 231 -32.26 -5.14 12.31
CA TYR B 231 -32.15 -3.71 12.03
C TYR B 231 -33.40 -2.94 12.43
N ARG B 232 -34.56 -3.45 12.01
CA ARG B 232 -35.84 -2.76 12.25
C ARG B 232 -36.22 -2.72 13.72
N THR B 233 -35.97 -3.80 14.44
CA THR B 233 -36.39 -3.89 15.83
C THR B 233 -35.40 -3.24 16.81
N LYS B 234 -34.14 -3.11 16.42
CA LYS B 234 -33.12 -2.61 17.35
C LYS B 234 -32.53 -1.27 16.97
N TYR B 235 -32.27 -1.05 15.69
CA TYR B 235 -31.48 0.11 15.24
C TYR B 235 -32.21 1.18 14.46
N GLN B 236 -33.27 0.81 13.74
CA GLN B 236 -33.85 1.74 12.76
C GLN B 236 -34.46 3.00 13.37
N ALA B 237 -35.14 2.86 14.50
CA ALA B 237 -35.74 4.01 15.18
C ALA B 237 -34.71 5.12 15.39
N ALA B 238 -33.55 4.74 15.91
CA ALA B 238 -32.48 5.67 16.21
C ALA B 238 -31.73 6.11 14.94
N GLN B 239 -31.40 5.17 14.08
CA GLN B 239 -30.49 5.43 12.96
C GLN B 239 -31.18 5.94 11.68
N GLN B 240 -32.42 5.52 11.49
CA GLN B 240 -33.26 5.98 10.40
C GLN B 240 -32.60 5.78 9.03
N GLY B 241 -32.02 4.60 8.87
CA GLY B 241 -31.45 4.17 7.59
C GLY B 241 -32.30 3.09 6.93
N LYS B 242 -31.73 2.48 5.90
CA LYS B 242 -32.40 1.51 5.05
C LYS B 242 -31.49 0.32 4.74
N VAL B 243 -32.11 -0.83 4.54
CA VAL B 243 -31.37 -2.05 4.18
C VAL B 243 -32.03 -2.72 2.99
N GLY B 244 -31.26 -2.96 1.93
CA GLY B 244 -31.74 -3.73 0.78
C GLY B 244 -30.86 -4.94 0.50
N ILE B 245 -30.93 -5.40 -0.73
CA ILE B 245 -30.19 -6.58 -1.18
C ILE B 245 -29.90 -6.36 -2.66
N VAL B 246 -28.80 -6.92 -3.13
CA VAL B 246 -28.38 -6.75 -4.51
C VAL B 246 -28.55 -8.06 -5.27
N LEU B 247 -29.31 -7.99 -6.36
CA LEU B 247 -29.63 -9.15 -7.18
C LEU B 247 -29.17 -8.94 -8.61
N ASP B 248 -28.59 -9.96 -9.23
CA ASP B 248 -28.25 -9.88 -10.64
C ASP B 248 -29.50 -10.14 -11.48
N PHE B 249 -29.63 -9.39 -12.56
CA PHE B 249 -30.73 -9.59 -13.47
C PHE B 249 -30.26 -9.21 -14.87
N ASN B 250 -30.10 -10.21 -15.70
CA ASN B 250 -29.93 -9.95 -17.12
C ASN B 250 -31.25 -10.22 -17.84
N TRP B 251 -31.49 -9.48 -18.91
CA TRP B 251 -32.78 -9.51 -19.56
C TRP B 251 -32.90 -10.75 -20.46
N TYR B 252 -34.09 -11.31 -20.50
CA TYR B 252 -34.40 -12.43 -21.38
C TYR B 252 -35.56 -12.01 -22.28
N GLU B 253 -35.34 -12.11 -23.58
CA GLU B 253 -36.34 -11.76 -24.58
C GLU B 253 -36.73 -13.01 -25.38
N ALA B 254 -38.02 -13.25 -25.54
CA ALA B 254 -38.47 -14.40 -26.33
C ALA B 254 -37.84 -14.33 -27.72
N LEU B 255 -37.30 -15.45 -28.18
CA LEU B 255 -36.67 -15.51 -29.50
C LEU B 255 -37.67 -15.21 -30.62
N SER B 256 -38.88 -15.73 -30.47
CA SER B 256 -40.00 -15.42 -31.38
C SER B 256 -41.23 -15.14 -30.56
N ASN B 257 -42.34 -14.79 -31.21
CA ASN B 257 -43.61 -14.57 -30.52
C ASN B 257 -44.46 -15.82 -30.31
N SER B 258 -43.87 -16.99 -30.51
CA SER B 258 -44.56 -18.25 -30.23
C SER B 258 -44.88 -18.39 -28.75
N THR B 259 -45.92 -19.16 -28.47
CA THR B 259 -46.33 -19.45 -27.10
C THR B 259 -45.18 -20.07 -26.31
N GLU B 260 -44.48 -21.03 -26.93
CA GLU B 260 -43.39 -21.75 -26.27
C GLU B 260 -42.20 -20.82 -25.96
N ASP B 261 -41.85 -19.94 -26.90
CA ASP B 261 -40.71 -19.02 -26.70
C ASP B 261 -41.03 -17.92 -25.68
N GLN B 262 -42.26 -17.39 -25.72
CA GLN B 262 -42.72 -16.43 -24.71
C GLN B 262 -42.75 -17.06 -23.30
N ALA B 263 -43.20 -18.30 -23.22
CA ALA B 263 -43.18 -19.04 -21.94
C ALA B 263 -41.75 -19.25 -21.45
N ALA B 264 -40.85 -19.58 -22.37
CA ALA B 264 -39.44 -19.82 -22.03
C ALA B 264 -38.79 -18.57 -21.44
N ALA B 265 -39.01 -17.43 -22.09
CA ALA B 265 -38.44 -16.17 -21.61
C ALA B 265 -38.94 -15.85 -20.21
N GLN B 266 -40.22 -16.09 -19.96
CA GLN B 266 -40.82 -15.82 -18.65
C GLN B 266 -40.32 -16.81 -17.60
N ARG B 267 -40.19 -18.08 -18.00
CA ARG B 267 -39.61 -19.10 -17.13
C ARG B 267 -38.18 -18.70 -16.72
N ALA B 268 -37.41 -18.21 -17.68
CA ALA B 268 -36.02 -17.79 -17.40
C ALA B 268 -35.99 -16.61 -16.41
N ARG B 269 -36.85 -15.61 -16.64
CA ARG B 269 -36.99 -14.50 -15.70
C ARG B 269 -37.32 -14.98 -14.28
N ASP B 270 -38.25 -15.91 -14.17
CA ASP B 270 -38.63 -16.46 -12.86
C ASP B 270 -37.53 -17.23 -12.13
N PHE B 271 -36.79 -18.06 -12.87
CA PHE B 271 -35.67 -18.81 -12.28
C PHE B 271 -34.46 -17.91 -11.98
N HIS B 272 -34.37 -16.77 -12.64
CA HIS B 272 -33.22 -15.87 -12.51
C HIS B 272 -33.44 -14.84 -11.40
N ILE B 273 -34.45 -13.99 -11.58
CA ILE B 273 -34.74 -12.89 -10.63
C ILE B 273 -35.94 -13.22 -9.73
N GLY B 274 -36.95 -13.90 -10.27
CA GLY B 274 -38.13 -14.26 -9.48
C GLY B 274 -37.79 -15.14 -8.27
N TRP B 275 -36.76 -15.97 -8.44
CA TRP B 275 -36.24 -16.82 -7.38
C TRP B 275 -36.07 -16.06 -6.04
N TYR B 276 -35.63 -14.82 -6.14
CA TYR B 276 -35.44 -13.94 -4.98
C TYR B 276 -36.51 -12.86 -4.82
N LEU B 277 -36.97 -12.28 -5.92
CA LEU B 277 -37.95 -11.19 -5.86
C LEU B 277 -39.35 -11.64 -5.47
N ASP B 278 -39.78 -12.82 -5.93
CA ASP B 278 -41.07 -13.30 -5.48
C ASP B 278 -41.11 -13.50 -3.94
N PRO B 279 -40.06 -14.09 -3.36
CA PRO B 279 -40.09 -14.14 -1.89
C PRO B 279 -40.04 -12.74 -1.25
N LEU B 280 -39.17 -11.88 -1.75
CA LEU B 280 -38.96 -10.55 -1.13
C LEU B 280 -40.15 -9.61 -1.28
N ILE B 281 -40.90 -9.76 -2.37
CA ILE B 281 -42.04 -8.87 -2.63
C ILE B 281 -43.37 -9.52 -2.27
N ASN B 282 -43.53 -10.79 -2.66
CA ASN B 282 -44.82 -11.48 -2.53
C ASN B 282 -44.87 -12.56 -1.46
N GLY B 283 -43.74 -12.90 -0.86
CA GLY B 283 -43.71 -13.92 0.21
C GLY B 283 -43.81 -15.37 -0.23
N HIS B 284 -43.45 -15.67 -1.48
CA HIS B 284 -43.39 -17.05 -1.96
C HIS B 284 -42.44 -17.18 -3.15
N TYR B 285 -41.94 -18.38 -3.41
CA TYR B 285 -41.18 -18.66 -4.60
C TYR B 285 -42.09 -18.60 -5.83
N PRO B 286 -41.52 -18.31 -7.02
CA PRO B 286 -42.36 -18.30 -8.21
C PRO B 286 -43.10 -19.62 -8.39
N GLN B 287 -44.34 -19.55 -8.86
CA GLN B 287 -45.15 -20.74 -9.07
C GLN B 287 -44.46 -21.79 -9.97
N ILE B 288 -43.82 -21.32 -11.04
CA ILE B 288 -43.13 -22.22 -11.99
C ILE B 288 -41.99 -23.01 -11.32
N MET B 289 -41.27 -22.36 -10.41
CA MET B 289 -40.23 -23.06 -9.64
C MET B 289 -40.86 -24.10 -8.70
N GLN B 290 -41.94 -23.71 -8.04
CA GLN B 290 -42.67 -24.68 -7.18
C GLN B 290 -43.14 -25.88 -8.00
N ASP B 291 -43.67 -25.63 -9.18
CA ASP B 291 -44.16 -26.69 -10.08
C ASP B 291 -43.06 -27.62 -10.61
N LEU B 292 -41.92 -27.05 -10.99
CA LEU B 292 -40.86 -27.82 -11.67
C LEU B 292 -39.84 -28.42 -10.72
N VAL B 293 -39.48 -27.68 -9.67
CA VAL B 293 -38.42 -28.08 -8.74
C VAL B 293 -38.98 -28.95 -7.59
N LYS B 294 -40.25 -28.70 -7.26
CA LYS B 294 -41.02 -29.52 -6.31
C LYS B 294 -40.33 -29.69 -4.96
N ASP B 295 -40.10 -30.95 -4.58
CA ASP B 295 -39.51 -31.31 -3.28
C ASP B 295 -38.09 -30.76 -3.04
N ARG B 296 -37.37 -30.46 -4.11
CA ARG B 296 -36.01 -29.90 -3.98
C ARG B 296 -36.02 -28.39 -3.62
N LEU B 297 -37.17 -27.75 -3.74
CA LEU B 297 -37.31 -26.34 -3.39
C LEU B 297 -37.80 -26.21 -1.94
N PRO B 298 -36.98 -25.66 -1.06
CA PRO B 298 -37.41 -25.55 0.33
C PRO B 298 -38.70 -24.74 0.47
N LYS B 299 -39.48 -25.05 1.50
CA LYS B 299 -40.72 -24.34 1.79
C LYS B 299 -40.51 -23.37 2.94
N PHE B 300 -40.86 -22.11 2.73
CA PHE B 300 -40.97 -21.16 3.81
C PHE B 300 -42.17 -21.52 4.68
N THR B 301 -42.02 -21.47 5.99
CA THR B 301 -43.17 -21.55 6.88
C THR B 301 -43.94 -20.22 6.71
N PRO B 302 -45.21 -20.19 7.13
CA PRO B 302 -45.94 -18.92 7.09
C PRO B 302 -45.22 -17.77 7.81
N GLU B 303 -44.62 -18.06 8.97
CA GLU B 303 -43.87 -17.07 9.76
C GLU B 303 -42.64 -16.58 8.98
N GLN B 304 -41.90 -17.52 8.40
CA GLN B 304 -40.71 -17.19 7.61
C GLN B 304 -41.09 -16.34 6.40
N ALA B 305 -42.14 -16.75 5.69
CA ALA B 305 -42.58 -16.01 4.51
C ALA B 305 -42.97 -14.56 4.87
N ARG B 306 -43.59 -14.38 6.03
CA ARG B 306 -43.96 -13.05 6.50
C ARG B 306 -42.73 -12.22 6.90
N LEU B 307 -41.69 -12.88 7.38
CA LEU B 307 -40.42 -12.19 7.70
C LEU B 307 -39.68 -11.75 6.43
N VAL B 308 -39.69 -12.60 5.41
CA VAL B 308 -39.00 -12.36 4.14
C VAL B 308 -39.75 -11.31 3.29
N LYS B 309 -41.06 -11.45 3.18
CA LYS B 309 -41.87 -10.51 2.43
C LYS B 309 -41.72 -9.07 2.98
N GLY B 310 -41.39 -8.14 2.10
CA GLY B 310 -41.26 -6.74 2.49
C GLY B 310 -39.97 -6.37 3.21
N SER B 311 -39.03 -7.32 3.27
CA SER B 311 -37.76 -7.16 4.02
C SER B 311 -36.64 -6.44 3.27
N ALA B 312 -36.92 -5.96 2.07
CA ALA B 312 -35.96 -5.09 1.37
C ALA B 312 -36.54 -3.68 1.20
N ASP B 313 -35.85 -2.69 1.73
CA ASP B 313 -36.26 -1.29 1.58
C ASP B 313 -36.08 -0.78 0.14
N TYR B 314 -35.12 -1.38 -0.56
CA TYR B 314 -34.94 -1.16 -2.00
C TYR B 314 -34.31 -2.40 -2.58
N ILE B 315 -34.48 -2.57 -3.89
CA ILE B 315 -33.91 -3.70 -4.58
C ILE B 315 -32.76 -3.21 -5.42
N GLY B 316 -31.55 -3.67 -5.10
CA GLY B 316 -30.41 -3.43 -5.95
C GLY B 316 -30.43 -4.41 -7.11
N ILE B 317 -30.32 -3.88 -8.33
CA ILE B 317 -30.20 -4.69 -9.54
C ILE B 317 -28.85 -4.47 -10.23
N ASN B 318 -28.08 -5.54 -10.34
CA ASN B 318 -26.89 -5.56 -11.18
C ASN B 318 -27.30 -5.97 -12.59
N GLN B 319 -27.21 -5.03 -13.52
CA GLN B 319 -27.73 -5.21 -14.87
C GLN B 319 -26.57 -5.07 -15.85
N TYR B 320 -26.31 -6.11 -16.62
CA TYR B 320 -25.21 -6.09 -17.57
C TYR B 320 -25.60 -6.37 -19.01
N THR B 321 -26.45 -7.36 -19.21
CA THR B 321 -26.58 -7.96 -20.54
C THR B 321 -27.99 -8.53 -20.77
N ALA B 322 -28.17 -9.14 -21.94
CA ALA B 322 -29.45 -9.70 -22.37
C ALA B 322 -29.22 -10.91 -23.26
N SER B 323 -30.20 -11.79 -23.34
CA SER B 323 -30.17 -12.88 -24.31
C SER B 323 -31.58 -13.17 -24.77
N TYR B 324 -31.67 -13.93 -25.87
CA TYR B 324 -32.92 -14.50 -26.33
C TYR B 324 -33.13 -15.84 -25.65
N MET B 325 -34.38 -16.24 -25.54
CA MET B 325 -34.77 -17.52 -24.96
C MET B 325 -35.69 -18.28 -25.92
N LYS B 326 -35.35 -19.55 -26.11
CA LYS B 326 -36.10 -20.46 -26.95
C LYS B 326 -36.65 -21.55 -26.05
N GLY B 327 -37.90 -21.92 -26.28
CA GLY B 327 -38.56 -22.92 -25.46
C GLY B 327 -38.97 -24.15 -26.24
N GLN B 328 -39.53 -25.09 -25.50
CA GLN B 328 -39.94 -26.38 -26.01
C GLN B 328 -41.04 -26.89 -25.08
N GLN B 329 -41.62 -28.05 -25.39
CA GLN B 329 -42.59 -28.68 -24.49
C GLN B 329 -41.92 -28.95 -23.15
N LEU B 330 -42.57 -28.52 -22.06
CA LEU B 330 -42.11 -28.88 -20.72
C LEU B 330 -42.27 -30.39 -20.54
N MET B 331 -41.19 -31.04 -20.09
CA MET B 331 -41.17 -32.50 -19.97
C MET B 331 -40.75 -32.96 -18.57
N GLN B 332 -41.19 -34.16 -18.23
CA GLN B 332 -40.73 -34.84 -17.03
C GLN B 332 -39.27 -35.25 -17.25
N GLN B 333 -38.39 -34.88 -16.33
CA GLN B 333 -36.98 -35.23 -16.44
C GLN B 333 -36.39 -35.53 -15.06
N THR B 334 -35.39 -36.41 -15.04
CA THR B 334 -34.62 -36.70 -13.84
C THR B 334 -33.85 -35.44 -13.45
N PRO B 335 -33.98 -34.98 -12.19
CA PRO B 335 -33.30 -33.75 -11.79
C PRO B 335 -31.80 -33.87 -11.91
N THR B 336 -31.15 -32.86 -12.50
CA THR B 336 -29.69 -32.84 -12.57
C THR B 336 -29.06 -31.56 -12.01
N SER B 337 -29.69 -30.42 -12.28
CA SER B 337 -29.14 -29.15 -11.79
C SER B 337 -30.16 -28.02 -11.81
N TYR B 338 -29.92 -27.03 -10.96
CA TYR B 338 -30.64 -25.75 -11.03
C TYR B 338 -30.72 -25.25 -12.46
N SER B 339 -29.58 -25.22 -13.16
CA SER B 339 -29.53 -24.71 -14.54
C SER B 339 -30.44 -25.49 -15.49
N ALA B 340 -30.38 -26.81 -15.40
CA ALA B 340 -31.19 -27.68 -16.27
C ALA B 340 -32.69 -27.62 -15.91
N ASP B 341 -33.00 -27.25 -14.68
CA ASP B 341 -34.39 -27.12 -14.22
C ASP B 341 -35.23 -26.11 -15.00
N TRP B 342 -34.58 -25.11 -15.61
CA TRP B 342 -35.30 -24.05 -16.33
C TRP B 342 -36.02 -24.57 -17.59
N GLN B 343 -35.46 -25.61 -18.19
CA GLN B 343 -35.93 -26.17 -19.47
C GLN B 343 -36.05 -25.10 -20.55
N VAL B 344 -34.97 -24.36 -20.75
CA VAL B 344 -34.90 -23.33 -21.79
C VAL B 344 -33.58 -23.41 -22.52
N THR B 345 -33.50 -22.74 -23.66
CA THR B 345 -32.24 -22.61 -24.40
C THR B 345 -31.96 -21.13 -24.64
N ALA B 346 -30.85 -20.66 -24.08
CA ALA B 346 -30.34 -19.32 -24.32
C ALA B 346 -29.81 -19.22 -25.74
N VAL B 347 -30.19 -18.15 -26.43
CA VAL B 347 -29.83 -17.91 -27.83
C VAL B 347 -29.31 -16.47 -27.93
N PHE B 348 -28.22 -16.28 -28.67
CA PHE B 348 -27.52 -14.99 -28.70
C PHE B 348 -27.53 -14.29 -30.07
N ALA B 349 -28.40 -14.77 -30.95
CA ALA B 349 -28.61 -14.18 -32.27
C ALA B 349 -30.07 -14.33 -32.70
N LYS B 350 -30.55 -13.36 -33.46
CA LYS B 350 -31.90 -13.42 -34.02
C LYS B 350 -31.83 -12.90 -35.45
N ASN B 351 -32.57 -13.55 -36.33
CA ASN B 351 -32.60 -13.19 -37.75
C ASN B 351 -31.19 -13.04 -38.34
N GLY B 352 -30.27 -13.90 -37.91
CA GLY B 352 -28.91 -13.93 -38.42
C GLY B 352 -27.95 -12.86 -37.88
N LYS B 353 -28.43 -12.05 -36.95
CA LYS B 353 -27.62 -10.98 -36.35
C LYS B 353 -27.42 -11.23 -34.84
N PRO B 354 -26.19 -11.09 -34.34
CA PRO B 354 -25.95 -11.22 -32.89
C PRO B 354 -26.77 -10.21 -32.10
N ILE B 355 -27.18 -10.58 -30.89
CA ILE B 355 -27.96 -9.68 -30.02
C ILE B 355 -27.15 -8.40 -29.71
N GLY B 356 -25.83 -8.54 -29.67
CA GLY B 356 -24.95 -7.39 -29.49
C GLY B 356 -23.51 -7.87 -29.57
N PRO B 357 -22.55 -6.95 -29.71
CA PRO B 357 -21.14 -7.37 -29.65
C PRO B 357 -20.77 -7.72 -28.20
N GLN B 358 -19.74 -8.52 -28.01
CA GLN B 358 -19.27 -8.92 -26.69
C GLN B 358 -18.20 -7.96 -26.21
N ALA B 359 -18.21 -7.67 -24.91
CA ALA B 359 -17.07 -7.03 -24.26
C ALA B 359 -15.99 -8.09 -24.06
N ASN B 360 -15.00 -7.83 -23.20
CA ASN B 360 -13.97 -8.84 -22.95
C ASN B 360 -14.53 -10.16 -22.36
N SER B 361 -15.45 -10.04 -21.40
CA SER B 361 -16.07 -11.21 -20.79
C SER B 361 -17.04 -11.84 -21.79
N ASN B 362 -16.92 -13.15 -21.97
CA ASN B 362 -17.69 -13.88 -23.00
C ASN B 362 -19.21 -13.81 -22.76
N TRP B 363 -19.60 -13.71 -21.50
CA TRP B 363 -21.01 -13.63 -21.10
C TRP B 363 -21.61 -12.23 -21.30
N LEU B 364 -20.77 -11.23 -21.53
CA LEU B 364 -21.23 -9.84 -21.55
C LEU B 364 -21.48 -9.33 -22.98
N TYR B 365 -22.72 -9.51 -23.44
CA TYR B 365 -23.14 -8.96 -24.71
C TYR B 365 -23.63 -7.54 -24.44
N ILE B 366 -23.19 -6.60 -25.25
CA ILE B 366 -23.55 -5.19 -25.08
C ILE B 366 -24.94 -4.98 -25.69
N VAL B 367 -25.95 -4.91 -24.84
CA VAL B 367 -27.35 -4.85 -25.29
C VAL B 367 -28.08 -3.82 -24.47
N PRO B 368 -28.00 -2.53 -24.87
CA PRO B 368 -28.52 -1.46 -24.01
C PRO B 368 -30.01 -1.63 -23.72
N TRP B 369 -30.77 -2.11 -24.70
CA TRP B 369 -32.21 -2.29 -24.49
C TRP B 369 -32.56 -3.33 -23.41
N GLY B 370 -31.57 -4.12 -23.00
CA GLY B 370 -31.73 -5.03 -21.87
C GLY B 370 -31.96 -4.30 -20.56
N MET B 371 -31.35 -3.12 -20.41
CA MET B 371 -31.56 -2.27 -19.24
C MET B 371 -33.03 -1.84 -19.14
N TYR B 372 -33.59 -1.36 -20.25
CA TYR B 372 -35.01 -0.99 -20.29
C TYR B 372 -35.87 -2.21 -19.96
N GLY B 373 -35.58 -3.32 -20.62
CA GLY B 373 -36.31 -4.57 -20.42
C GLY B 373 -36.44 -4.95 -18.95
N CYS B 374 -35.31 -5.02 -18.28
CA CYS B 374 -35.24 -5.40 -16.86
C CYS B 374 -36.02 -4.46 -15.93
N VAL B 375 -35.77 -3.16 -16.11
CA VAL B 375 -36.38 -2.14 -15.25
C VAL B 375 -37.90 -2.04 -15.47
N ASN B 376 -38.31 -1.99 -16.72
CA ASN B 376 -39.74 -2.04 -17.06
C ASN B 376 -40.42 -3.28 -16.50
N TYR B 377 -39.75 -4.44 -16.62
CA TYR B 377 -40.32 -5.70 -16.15
C TYR B 377 -40.58 -5.68 -14.64
N ILE B 378 -39.58 -5.27 -13.86
CA ILE B 378 -39.71 -5.16 -12.41
C ILE B 378 -40.84 -4.20 -12.04
N LYS B 379 -40.90 -3.05 -12.73
CA LYS B 379 -41.96 -2.07 -12.52
C LYS B 379 -43.34 -2.71 -12.66
N GLN B 380 -43.54 -3.39 -13.79
CA GLN B 380 -44.84 -3.98 -14.17
C GLN B 380 -45.24 -5.20 -13.35
N LYS B 381 -44.27 -6.03 -12.98
CA LYS B 381 -44.53 -7.32 -12.37
C LYS B 381 -44.64 -7.26 -10.85
N TYR B 382 -43.85 -6.41 -10.22
CA TYR B 382 -43.67 -6.41 -8.77
C TYR B 382 -44.15 -5.16 -8.04
N GLY B 383 -45.06 -4.41 -8.67
CA GLY B 383 -45.69 -3.24 -8.05
C GLY B 383 -44.76 -2.03 -7.95
N ASN B 384 -43.82 -1.94 -8.87
CA ASN B 384 -42.90 -0.78 -8.96
C ASN B 384 -42.16 -0.51 -7.65
N PRO B 385 -41.46 -1.52 -7.12
CA PRO B 385 -40.65 -1.31 -5.93
C PRO B 385 -39.51 -0.33 -6.20
N THR B 386 -38.95 0.25 -5.15
CA THR B 386 -37.79 1.11 -5.29
C THR B 386 -36.59 0.27 -5.73
N VAL B 387 -36.05 0.63 -6.89
CA VAL B 387 -34.94 -0.07 -7.52
C VAL B 387 -33.72 0.85 -7.53
N VAL B 388 -32.56 0.29 -7.22
CA VAL B 388 -31.29 0.97 -7.44
C VAL B 388 -30.50 0.09 -8.39
N ILE B 389 -30.04 0.64 -9.51
CA ILE B 389 -29.10 -0.06 -10.38
C ILE B 389 -27.75 -0.04 -9.66
N THR B 390 -27.37 -1.18 -9.11
CA THR B 390 -26.21 -1.25 -8.21
C THR B 390 -24.90 -1.63 -8.90
N GLU B 391 -25.00 -2.07 -10.15
CA GLU B 391 -23.83 -2.34 -10.98
C GLU B 391 -24.28 -2.29 -12.43
N ASN B 392 -23.46 -1.64 -13.25
CA ASN B 392 -23.59 -1.67 -14.71
C ASN B 392 -22.23 -1.25 -15.29
N GLY B 393 -21.73 -1.99 -16.27
CA GLY B 393 -20.42 -1.71 -16.83
C GLY B 393 -19.92 -2.78 -17.77
N MET B 394 -18.73 -2.58 -18.31
CA MET B 394 -18.17 -3.52 -19.29
C MET B 394 -16.65 -3.55 -19.18
N ASP B 395 -16.04 -4.62 -19.70
CA ASP B 395 -14.60 -4.82 -19.54
C ASP B 395 -13.77 -4.79 -20.83
N GLN B 396 -12.54 -4.30 -20.65
CA GLN B 396 -11.51 -4.36 -21.66
C GLN B 396 -10.62 -5.59 -21.40
N PRO B 397 -9.93 -6.07 -22.45
CA PRO B 397 -9.05 -7.22 -22.28
C PRO B 397 -7.72 -6.88 -21.63
N ALA B 398 -6.95 -7.93 -21.33
CA ALA B 398 -5.59 -7.80 -20.80
C ALA B 398 -4.61 -7.28 -21.86
N ASN B 399 -3.44 -6.88 -21.40
CA ASN B 399 -2.28 -6.67 -22.29
C ASN B 399 -2.31 -5.44 -23.20
N LEU B 400 -3.27 -4.54 -22.99
CA LEU B 400 -3.30 -3.29 -23.76
C LEU B 400 -2.27 -2.32 -23.16
N SER B 401 -1.90 -1.31 -23.92
CA SER B 401 -1.06 -0.23 -23.41
C SER B 401 -1.91 0.65 -22.47
N ARG B 402 -1.23 1.44 -21.65
CA ARG B 402 -1.92 2.41 -20.82
C ARG B 402 -2.85 3.28 -21.69
N ASP B 403 -2.32 3.86 -22.76
CA ASP B 403 -3.09 4.76 -23.61
C ASP B 403 -4.29 4.06 -24.25
N GLN B 404 -4.12 2.80 -24.63
CA GLN B 404 -5.26 2.01 -25.16
C GLN B 404 -6.35 1.83 -24.10
N TYR B 405 -5.96 1.61 -22.84
CA TYR B 405 -6.95 1.52 -21.75
C TYR B 405 -7.68 2.84 -21.57
N LEU B 406 -6.95 3.95 -21.67
CA LEU B 406 -7.53 5.27 -21.42
C LEU B 406 -8.51 5.71 -22.48
N ARG B 407 -8.27 5.28 -23.72
CA ARG B 407 -9.14 5.65 -24.83
C ARG B 407 -10.31 4.66 -24.95
N ASP B 408 -11.11 4.57 -23.90
CA ASP B 408 -12.14 3.52 -23.79
C ASP B 408 -13.46 3.97 -24.43
N THR B 409 -13.38 4.21 -25.72
CA THR B 409 -14.51 4.71 -26.52
C THR B 409 -15.72 3.75 -26.45
N THR B 410 -15.47 2.44 -26.45
CA THR B 410 -16.54 1.44 -26.36
C THR B 410 -17.31 1.58 -25.04
N ARG B 411 -16.58 1.85 -23.96
CA ARG B 411 -17.20 2.01 -22.64
C ARG B 411 -17.99 3.31 -22.55
N VAL B 412 -17.47 4.38 -23.15
CA VAL B 412 -18.22 5.63 -23.25
C VAL B 412 -19.57 5.38 -23.95
N HIS B 413 -19.52 4.73 -25.12
CA HIS B 413 -20.73 4.36 -25.87
C HIS B 413 -21.66 3.47 -25.03
N PHE B 414 -21.07 2.52 -24.29
CA PHE B 414 -21.81 1.62 -23.39
C PHE B 414 -22.65 2.40 -22.38
N TYR B 415 -22.01 3.29 -21.64
CA TYR B 415 -22.69 4.08 -20.63
C TYR B 415 -23.75 5.04 -21.21
N ARG B 416 -23.40 5.75 -22.27
CA ARG B 416 -24.36 6.64 -22.92
C ARG B 416 -25.62 5.84 -23.34
N SER B 417 -25.42 4.71 -24.00
CA SER B 417 -26.54 3.88 -24.47
C SER B 417 -27.36 3.25 -23.36
N TYR B 418 -26.70 2.61 -22.39
CA TYR B 418 -27.40 1.99 -21.27
C TYR B 418 -28.13 3.03 -20.40
N LEU B 419 -27.50 4.19 -20.17
CA LEU B 419 -28.14 5.23 -19.36
C LEU B 419 -29.33 5.89 -20.09
N THR B 420 -29.25 5.99 -21.41
CA THR B 420 -30.37 6.46 -22.22
C THR B 420 -31.57 5.50 -22.10
N GLN B 421 -31.29 4.20 -22.10
CA GLN B 421 -32.35 3.18 -21.91
C GLN B 421 -32.94 3.20 -20.51
N LEU B 422 -32.09 3.41 -19.51
CA LEU B 422 -32.56 3.57 -18.14
C LEU B 422 -33.47 4.79 -18.02
N LYS B 423 -33.04 5.89 -18.61
CA LYS B 423 -33.80 7.12 -18.62
C LYS B 423 -35.19 6.90 -19.24
N LYS B 424 -35.23 6.14 -20.33
CA LYS B 424 -36.50 5.79 -20.99
C LYS B 424 -37.46 5.09 -20.02
N ALA B 425 -36.95 4.12 -19.27
CA ALA B 425 -37.75 3.40 -18.28
C ALA B 425 -38.22 4.29 -17.13
N ILE B 426 -37.33 5.16 -16.65
CA ILE B 426 -37.67 6.09 -15.57
C ILE B 426 -38.74 7.10 -16.05
N ASP B 427 -38.60 7.60 -17.27
CA ASP B 427 -39.54 8.56 -17.82
C ASP B 427 -40.93 7.92 -18.00
N GLU B 428 -40.96 6.60 -18.17
CA GLU B 428 -42.21 5.85 -18.22
C GLU B 428 -42.76 5.44 -16.85
N GLY B 429 -42.08 5.85 -15.79
CA GLY B 429 -42.59 5.72 -14.43
C GLY B 429 -41.91 4.70 -13.52
N ALA B 430 -40.82 4.10 -13.98
CA ALA B 430 -40.08 3.17 -13.12
C ALA B 430 -39.48 3.90 -11.92
N ASN B 431 -39.65 3.30 -10.75
CA ASN B 431 -39.22 3.82 -9.46
C ASN B 431 -37.73 3.52 -9.22
N VAL B 432 -36.87 4.06 -10.06
CA VAL B 432 -35.42 3.88 -9.90
C VAL B 432 -34.85 5.09 -9.14
N ALA B 433 -34.16 4.81 -8.03
CA ALA B 433 -33.62 5.86 -7.13
C ALA B 433 -32.14 6.18 -7.31
N GLY B 434 -31.41 5.33 -8.02
CA GLY B 434 -30.00 5.56 -8.26
C GLY B 434 -29.36 4.60 -9.25
N TYR B 435 -28.12 4.93 -9.61
CA TYR B 435 -27.34 4.17 -10.57
C TYR B 435 -25.86 4.20 -10.18
N PHE B 436 -25.26 3.02 -10.18
CA PHE B 436 -23.85 2.82 -9.79
C PHE B 436 -23.08 2.09 -10.89
N ALA B 437 -21.96 2.68 -11.32
CA ALA B 437 -21.13 2.09 -12.38
C ALA B 437 -20.14 1.08 -11.80
N TRP B 438 -20.18 -0.15 -12.32
CA TRP B 438 -19.12 -1.13 -12.02
C TRP B 438 -18.04 -0.98 -13.09
N SER B 439 -16.81 -0.59 -12.76
CA SER B 439 -16.33 -0.31 -11.41
C SER B 439 -15.61 1.05 -11.38
N LEU B 440 -15.41 1.60 -10.19
CA LEU B 440 -14.54 2.77 -10.08
C LEU B 440 -13.17 2.49 -10.70
N LEU B 441 -12.62 1.32 -10.40
CA LEU B 441 -11.24 0.96 -10.74
C LEU B 441 -11.16 -0.37 -11.42
N ASP B 442 -10.19 -0.53 -12.31
CA ASP B 442 -9.78 -1.88 -12.73
C ASP B 442 -9.40 -2.65 -11.46
N ASN B 443 -9.82 -3.91 -11.37
CA ASN B 443 -9.63 -4.64 -10.11
C ASN B 443 -9.45 -6.16 -10.31
N PHE B 444 -9.49 -6.90 -9.20
CA PHE B 444 -9.40 -8.36 -9.24
C PHE B 444 -10.75 -8.91 -9.66
N GLU B 445 -10.84 -9.42 -10.90
CA GLU B 445 -12.13 -9.88 -11.45
C GLU B 445 -12.33 -11.40 -11.30
N TRP B 446 -12.32 -11.85 -10.05
CA TRP B 446 -12.61 -13.26 -9.69
C TRP B 446 -11.81 -14.26 -10.55
N LEU B 447 -12.45 -15.18 -11.28
CA LEU B 447 -11.70 -16.17 -12.07
C LEU B 447 -10.76 -15.57 -13.12
N SER B 448 -11.10 -14.36 -13.61
CA SER B 448 -10.29 -13.69 -14.63
C SER B 448 -9.11 -12.95 -14.05
N GLY B 449 -9.01 -12.92 -12.72
CA GLY B 449 -7.92 -12.22 -12.06
C GLY B 449 -7.81 -10.81 -12.62
N TYR B 450 -6.61 -10.41 -13.01
CA TYR B 450 -6.35 -9.06 -13.53
C TYR B 450 -6.40 -8.97 -15.06
N THR B 451 -6.99 -9.98 -15.71
CA THR B 451 -7.08 -10.04 -17.18
C THR B 451 -8.34 -9.35 -17.72
N SER B 452 -9.23 -8.93 -16.82
CA SER B 452 -10.47 -8.23 -17.18
C SER B 452 -10.48 -6.86 -16.51
N LYS B 453 -10.65 -5.80 -17.31
CA LYS B 453 -10.58 -4.41 -16.82
C LYS B 453 -11.94 -3.71 -16.93
N PHE B 454 -12.66 -3.64 -15.80
CA PHE B 454 -13.99 -3.02 -15.73
C PHE B 454 -14.02 -1.54 -15.31
N GLY B 455 -12.88 -0.97 -14.94
CA GLY B 455 -12.86 0.36 -14.33
C GLY B 455 -13.13 1.52 -15.28
N ILE B 456 -13.71 2.59 -14.75
CA ILE B 456 -13.69 3.88 -15.42
C ILE B 456 -12.35 4.58 -15.14
N VAL B 457 -11.63 4.08 -14.14
CA VAL B 457 -10.27 4.53 -13.83
C VAL B 457 -9.32 3.36 -14.04
N TYR B 458 -8.29 3.59 -14.85
CA TYR B 458 -7.25 2.61 -15.11
C TYR B 458 -6.34 2.42 -13.90
N VAL B 459 -6.03 1.17 -13.58
CA VAL B 459 -5.01 0.87 -12.56
C VAL B 459 -3.85 0.14 -13.22
N ASP B 460 -2.67 0.73 -13.11
CA ASP B 460 -1.45 0.08 -13.56
C ASP B 460 -1.10 -0.93 -12.46
N PHE B 461 -1.20 -2.23 -12.76
CA PHE B 461 -1.00 -3.23 -11.71
C PHE B 461 0.46 -3.52 -11.33
N ASN B 462 1.39 -2.90 -12.02
CA ASN B 462 2.81 -2.92 -11.62
C ASN B 462 3.15 -1.82 -10.61
N THR B 463 2.65 -0.62 -10.87
CA THR B 463 2.97 0.56 -10.06
C THR B 463 1.85 0.96 -9.08
N LEU B 464 0.65 0.44 -9.35
CA LEU B 464 -0.60 0.76 -8.65
C LEU B 464 -1.15 2.18 -8.89
N GLU B 465 -0.52 2.91 -9.81
CA GLU B 465 -0.97 4.25 -10.21
C GLU B 465 -2.39 4.21 -10.81
N ARG B 466 -3.19 5.21 -10.46
CA ARG B 466 -4.52 5.41 -11.05
C ARG B 466 -4.45 6.42 -12.18
N HIS B 467 -5.14 6.14 -13.28
CA HIS B 467 -5.29 7.11 -14.39
C HIS B 467 -6.75 7.06 -14.87
N PRO B 468 -7.50 8.17 -14.73
CA PRO B 468 -8.87 8.18 -15.26
C PRO B 468 -8.92 7.93 -16.77
N LYS B 469 -9.85 7.08 -17.20
CA LYS B 469 -10.08 6.80 -18.62
C LYS B 469 -11.07 7.83 -19.18
N ALA B 470 -11.26 7.83 -20.49
CA ALA B 470 -12.24 8.72 -21.13
C ALA B 470 -13.62 8.61 -20.48
N SER B 471 -14.03 7.38 -20.14
CA SER B 471 -15.34 7.14 -19.48
C SER B 471 -15.46 7.86 -18.12
N ALA B 472 -14.36 7.98 -17.39
CA ALA B 472 -14.37 8.75 -16.13
C ALA B 472 -14.68 10.22 -16.42
N TYR B 473 -14.03 10.77 -17.44
CA TYR B 473 -14.28 12.17 -17.82
C TYR B 473 -15.68 12.37 -18.40
N TRP B 474 -16.20 11.34 -19.05
CA TRP B 474 -17.59 11.35 -19.52
C TRP B 474 -18.55 11.52 -18.34
N PHE B 475 -18.34 10.72 -17.30
CA PHE B 475 -19.15 10.86 -16.08
C PHE B 475 -18.97 12.22 -15.44
N ARG B 476 -17.73 12.69 -15.36
CA ARG B 476 -17.48 14.01 -14.78
C ARG B 476 -18.32 15.09 -15.50
N ASP B 477 -18.32 15.04 -16.82
CA ASP B 477 -19.05 16.01 -17.64
C ASP B 477 -20.55 15.82 -17.47
N MET B 478 -20.99 14.57 -17.51
CA MET B 478 -22.41 14.29 -17.40
C MET B 478 -22.98 14.67 -16.02
N LEU B 479 -22.15 14.50 -14.99
CA LEU B 479 -22.61 14.66 -13.60
C LEU B 479 -22.36 16.02 -12.95
N LYS B 480 -21.78 16.98 -13.68
CA LYS B 480 -21.48 18.28 -13.08
C LYS B 480 -22.76 18.89 -12.48
N HIS B 481 -22.66 19.38 -11.26
CA HIS B 481 -23.82 19.81 -10.47
C HIS B 481 -24.34 21.15 -10.94
C2 BGC C . 28.61 17.99 19.44
C3 BGC C . 28.23 17.34 18.10
C4 BGC C . 27.31 18.31 17.36
C5 BGC C . 28.09 19.62 17.13
C6 BGC C . 27.30 20.71 16.41
C1 BGC C . 29.38 19.27 19.14
O1 BGC C . 29.82 19.88 20.35
O2 BGC C . 29.40 17.13 20.26
O3 BGC C . 27.62 16.04 18.27
O4 BGC C . 26.87 17.73 16.13
O5 BGC C . 28.52 20.15 18.40
O6 BGC C . 26.23 21.15 17.25
C2 BGC C . 25.39 17.57 14.31
C3 BGC C . 24.00 17.19 13.79
C4 BGC C . 23.42 16.03 14.57
C5 BGC C . 23.42 16.43 16.04
C6 BGC C . 22.82 15.33 16.92
C1 BGC C . 25.46 17.76 15.83
O2 BGC C . 25.87 18.75 13.66
O3 BGC C . 24.10 16.84 12.41
O4 BGC C . 22.08 15.73 14.10
O5 BGC C . 24.75 16.71 16.51
O6 BGC C . 22.79 15.81 18.26
C2 BGC C . 20.45 14.24 13.08
C3 BGC C . 20.23 13.03 12.18
C4 BGC C . 21.02 13.06 10.86
C5 BGC C . 22.45 13.51 11.20
C6 BGC C . 23.35 13.72 10.00
C1 BGC C . 21.93 14.57 13.26
O2 BGC C . 19.89 14.02 14.37
O3 BGC C . 18.84 12.87 11.86
O4 BGC C . 20.95 11.73 10.32
O5 BGC C . 22.43 14.75 11.94
O6 BGC C . 24.58 14.33 10.46
C2 BGC C . 20.15 10.01 8.69
C3 BGC C . 18.86 9.98 7.89
C4 BGC C . 18.07 11.22 8.29
C5 BGC C . 18.82 12.41 7.70
C6 BGC C . 18.13 13.73 8.00
C1 BGC C . 20.81 11.43 8.89
O2 BGC C . 21.00 9.09 7.97
O3 BGC C . 18.15 8.74 8.13
O4 BGC C . 16.73 11.14 7.79
O5 BGC C . 20.16 12.52 8.21
O6 BGC C . 18.02 13.94 9.43
C2 BGC D . -28.55 -19.81 -17.59
C3 BGC D . -28.19 -18.47 -16.93
C4 BGC D . -27.29 -17.70 -17.91
C5 BGC D . -28.10 -17.48 -19.20
C6 BGC D . -27.35 -16.70 -20.28
C1 BGC D . -29.35 -19.52 -18.86
O1 BGC D . -29.73 -20.75 -19.47
O2 BGC D . -29.30 -20.65 -16.69
O3 BGC D . -27.59 -18.64 -15.63
O4 BGC D . -26.85 -16.47 -17.32
O5 BGC D . -28.52 -18.74 -19.75
O6 BGC D . -26.28 -17.50 -20.78
C2 BGC D . -25.41 -14.63 -17.20
C3 BGC D . -24.07 -14.03 -16.78
C4 BGC D . -23.40 -14.85 -15.67
C5 BGC D . -23.34 -16.30 -16.16
C6 BGC D . -22.64 -17.22 -15.16
C1 BGC D . -25.45 -16.15 -17.40
O2 BGC D . -25.89 -13.99 -18.40
O3 BGC D . -24.32 -12.69 -16.36
O4 BGC D . -22.09 -14.34 -15.38
O5 BGC D . -24.67 -16.83 -16.39
O6 BGC D . -22.92 -18.58 -15.52
C2 BGC D . -20.44 -13.33 -13.90
C3 BGC D . -20.22 -12.46 -12.67
C4 BGC D . -21.07 -11.18 -12.60
C5 BGC D . -22.50 -11.54 -13.03
C6 BGC D . -23.41 -10.35 -13.18
C1 BGC D . -21.93 -13.56 -14.19
O2 BGC D . -19.85 -14.61 -13.67
O3 BGC D . -18.84 -12.10 -12.56
O4 BGC D . -20.98 -10.68 -11.25
O5 BGC D . -22.49 -12.25 -14.29
O6 BGC D . -24.67 -10.81 -13.74
C2 BGC D . -20.23 -9.03 -9.53
C3 BGC D . -18.92 -8.25 -9.52
C4 BGC D . -18.17 -8.62 -10.78
C5 BGC D . -18.94 -7.99 -11.93
C6 BGC D . -18.26 -8.21 -13.28
C1 BGC D . -20.88 -9.26 -10.93
O2 BGC D . -21.09 -8.33 -8.60
O3 BGC D . -18.17 -8.52 -8.32
O4 BGC D . -16.83 -8.14 -10.73
O5 BGC D . -20.28 -8.51 -12.01
O6 BGC D . -18.25 -9.61 -13.61
C2 BGC E . -21.66 19.24 -28.21
C3 BGC E . -20.63 18.38 -27.46
C4 BGC E . -19.88 19.22 -26.43
C5 BGC E . -20.81 20.16 -25.63
C6 BGC E . -20.01 21.23 -24.89
C1 BGC E . -22.60 19.90 -27.20
O1 BGC E . -23.68 20.57 -27.86
O2 BGC E . -22.37 18.52 -29.23
O3 BGC E . -19.73 17.73 -28.37
O4 BGC E . -19.25 18.31 -25.52
O5 BGC E . -21.78 20.81 -26.45
O6 BGC E . -19.64 22.27 -25.80
C2 BGC E . -17.18 18.00 -24.35
C3 BGC E . -15.71 17.58 -24.46
C4 BGC E . -15.60 16.36 -25.37
C5 BGC E . -16.23 16.70 -26.73
C6 BGC E . -16.02 15.62 -27.80
C1 BGC E . -17.85 18.12 -25.73
O2 BGC E . -17.25 19.26 -23.66
O3 BGC E . -15.17 17.29 -23.17
O4 BGC E . -14.24 15.99 -25.52
O5 BGC E . -17.63 16.94 -26.51
O6 BGC E . -16.58 14.38 -27.40
C2 BGC E . -12.79 14.10 -25.39
C3 BGC E . -12.25 13.03 -24.44
C4 BGC E . -11.72 13.69 -23.17
C5 BGC E . -12.86 14.47 -22.52
C6 BGC E . -12.52 15.11 -21.18
C1 BGC E . -13.84 14.93 -24.66
O2 BGC E . -13.43 13.53 -26.54
O3 BGC E . -11.24 12.23 -25.07
O4 BGC E . -11.20 12.67 -22.32
O5 BGC E . -13.32 15.47 -23.43
O6 BGC E . -11.64 16.22 -21.33
C2 BGC E . -8.85 12.81 -23.05
C3 BGC E . -7.41 12.95 -22.50
C4 BGC E . -7.29 14.16 -21.58
C5 BGC E . -8.38 14.15 -20.50
C6 BGC E . -8.40 15.42 -19.67
C1 BGC E . -9.83 12.82 -21.88
O2 BGC E . -9.02 11.60 -23.80
O3 BGC E . -6.46 13.02 -23.56
O4 BGC E . -6.01 14.17 -20.93
O5 BGC E . -9.67 14.00 -21.12
O6 BGC E . -9.27 16.37 -20.29
ZN ZN F . 0.02 -0.37 0.35
S SO4 G . 20.87 -14.73 -7.98
O1 SO4 G . 21.07 -13.87 -6.80
O2 SO4 G . 20.85 -13.86 -9.17
O3 SO4 G . 19.59 -15.44 -7.87
O4 SO4 G . 21.98 -15.69 -8.10
O1 MES H . 48.34 -2.63 18.83
C2 MES H . 47.81 -2.02 17.64
C3 MES H . 46.36 -1.58 17.85
N4 MES H . 46.23 -0.85 19.11
C5 MES H . 46.98 -1.27 20.33
C6 MES H . 48.39 -1.74 19.96
C7 MES H . 45.59 0.50 19.13
C8 MES H . 45.12 1.06 20.48
S MES H . 43.52 1.46 20.36
O1S MES H . 42.94 0.05 20.44
O2S MES H . 43.46 2.22 19.05
O3S MES H . 43.26 2.31 21.55
S SO4 I . -20.63 6.77 15.68
O1 SO4 I . -21.71 6.74 16.68
O2 SO4 I . -19.31 6.71 16.32
O3 SO4 I . -20.74 8.00 14.89
O4 SO4 I . -20.79 5.62 14.75
O1 MES J . -47.87 -19.57 3.50
C2 MES J . -47.55 -18.41 2.74
C3 MES J . -46.16 -18.51 2.15
N4 MES J . -45.78 -19.89 1.78
C5 MES J . -46.57 -21.10 2.11
C6 MES J . -47.95 -20.74 2.68
C7 MES J . -44.60 -20.05 0.86
C8 MES J . -44.60 -21.24 -0.11
S MES J . -43.10 -21.48 -0.77
O1S MES J . -42.37 -21.73 0.49
O2S MES J . -42.94 -20.21 -1.51
O3S MES J . -43.36 -22.69 -1.63
#